data_8JLP
#
_entry.id   8JLP
#
_cell.length_a   1.00
_cell.length_b   1.00
_cell.length_c   1.00
_cell.angle_alpha   90.00
_cell.angle_beta   90.00
_cell.angle_gamma   90.00
#
_symmetry.space_group_name_H-M   'P 1'
#
loop_
_entity.id
_entity.type
_entity.pdbx_description
1 polymer Gs
2 polymer 'Guanine nucleotide-binding protein G(I)/G(S)/G(T) subunit beta-1'
3 polymer 'Soluble cytochrome b562,Trace amine-associated receptor 1'
4 polymer 'Guanine nucleotide-binding protein G(I)/G(S)/G(O) subunit gamma-2'
5 non-polymer 5-ethyl-4-methyl-~{N}-[4-[(2~{S})-morpholin-2-yl]phenyl]-1~{H}-pyrazole-3-carboxamide
#
loop_
_entity_poly.entity_id
_entity_poly.type
_entity_poly.pdbx_seq_one_letter_code
_entity_poly.pdbx_strand_id
1 'polypeptide(L)'
;MGCTLRNEEKAQREANKKIEKQLQKDKQVYRATHRLLLLGAGESGKNTIVKQMRIYHVNGYSEEECKQYKAVVYSNTIQS
IIAIIRAMGRLKIDFGDSARADDARQLFVLAGAAEEGFMTAELAGVIKRLWKDSGVQACFNRSREYQLNDSAAYYLNDLD
RIAQPNYIPTQQDVLRTRVKTSGIFETKFQVDKVNFHMFDVGAQRDERRKWIQCFNDVTAIIFVVASSSYNMVIREDNQT
NRLQAALKLFDSIWNNKWLRDTSVILFLNKQDLLAEKVLAGKSKIEDYFPEFARYTTPEDATPEPGEDPRVTRAKYFIRD
EFLRISTASGDGRHYCYPHFTCSVDTENIRRVFNDCRDIIQRMHLRQYELL
;
A
2 'polypeptide(L)'
;MHHHHLEVLFQGPGSSGSELDQLRQEAEQLKNQIRDARKACADATLSQITNNIDPVGRIQMRTRRTLRGHLAKIYAMHWG
TDSRLLVSASQDGKLIIWDSYTTNKVHAIPLRSSWVMTCAYAPSGNYVACGGLDNICSIYNLKTREGNVRVSRELAGHTG
YLSCCRFLDDNQIVTSSGDTTCALWDIETGQQTTTFTGHTGDVMSLSLAPDTRLFVSGACDASAKLWDVREGMCRQTFTG
HESDINAICFFPNGNAFATGSDDATCRLFDLRADQELMTYSHDNIICGITSVSFSKSGRLLLAGYDDFNCNVWDALKADR
AGVLAGHDNRVSCLGVTDDGMAVATGSWDSFLKIWN
;
B
3 'polypeptide(L)'
;DYKDDDDKHHHHHHHHHHENLYFQGADLEDNWETLNDNLKVIEKADNAAQVKDALTKMRAAALDAQKATPPKLEDKSPDS
PEMKDFRHGFDILVGQIDDALKLANEGKVKEAQAAAEQLKTTRNAYIQKYLMMPFCHNIINISCVKNNWSNDVRASLYSL
MVLIILTTLVGNLIVIVSISHFKQLHTPTNWLIHSMATVDFLLGCLVMPYSMVRSAEHCWYFGEVFCKIHTSTDIMLSSA
SIFHLSFISIDRYYAVCDPLRYKAKMNILVICVMIFISWSVPAVFAFGMIFLELNFKGAEEIYYKHVHCRGGCSVFFSKI
SGVLTFMTSFYIPGSIMLCVYYRIYLIAKEQARLISDANQKLQIGLEMKNGISQSKERKAVKTLGIVMGVFLICWCPFFI
CTVMDPFLHYIIPPTLNDVLIWFGYLNSTFNPMVYAFFYPWFRKALKMMLFGKIFQKDSSRCKLFLELSS
;
R
4 'polypeptide(L)' MASNNTASIAQARKLVEQLKMEANIDRIKVSKAAADLMAYCEAHAKEDPLLTPVPASENPFREKKFFCAIL Y
#
# COMPACT_ATOMS: atom_id res chain seq x y z
N ARG A 6 25.24 -30.89 -0.95
CA ARG A 6 25.40 -30.42 -2.32
C ARG A 6 26.07 -29.05 -2.35
N ASN A 7 27.24 -28.99 -3.00
CA ASN A 7 27.96 -27.73 -3.12
C ASN A 7 27.15 -26.72 -3.93
N GLU A 8 26.47 -27.18 -4.96
CA GLU A 8 25.67 -26.28 -5.80
C GLU A 8 24.54 -25.63 -5.00
N GLU A 9 23.86 -26.41 -4.16
CA GLU A 9 22.80 -25.84 -3.34
C GLU A 9 23.37 -24.87 -2.32
N LYS A 10 24.56 -25.16 -1.79
CA LYS A 10 25.20 -24.23 -0.86
C LYS A 10 25.52 -22.90 -1.56
N ALA A 11 26.00 -22.96 -2.79
CA ALA A 11 26.25 -21.74 -3.55
C ALA A 11 24.95 -20.97 -3.81
N GLN A 12 23.87 -21.69 -4.14
CA GLN A 12 22.58 -21.04 -4.31
C GLN A 12 22.14 -20.34 -3.04
N ARG A 13 22.28 -21.01 -1.90
CA ARG A 13 21.88 -20.42 -0.62
C ARG A 13 22.71 -19.19 -0.30
N GLU A 14 24.03 -19.24 -0.52
CA GLU A 14 24.87 -18.09 -0.21
C GLU A 14 24.56 -16.92 -1.14
N ALA A 15 24.29 -17.19 -2.41
CA ALA A 15 23.91 -16.10 -3.32
C ALA A 15 22.60 -15.45 -2.88
N ASN A 16 21.61 -16.27 -2.49
CA ASN A 16 20.35 -15.71 -2.02
C ASN A 16 20.56 -14.88 -0.75
N LYS A 17 21.43 -15.36 0.15
CA LYS A 17 21.71 -14.60 1.37
C LYS A 17 22.34 -13.26 1.05
N LYS A 18 23.29 -13.22 0.11
CA LYS A 18 23.92 -11.94 -0.23
C LYS A 18 22.92 -10.99 -0.89
N ILE A 19 22.03 -11.53 -1.73
CA ILE A 19 20.99 -10.71 -2.34
C ILE A 19 20.10 -10.09 -1.26
N GLU A 20 19.69 -10.89 -0.28
CA GLU A 20 18.88 -10.37 0.82
C GLU A 20 19.64 -9.32 1.62
N LYS A 21 20.94 -9.54 1.83
CA LYS A 21 21.74 -8.60 2.61
C LYS A 21 21.80 -7.23 1.92
N GLN A 22 21.96 -7.22 0.59
CA GLN A 22 21.97 -5.94 -0.11
C GLN A 22 20.58 -5.29 -0.13
N LEU A 23 19.54 -6.11 -0.34
CA LEU A 23 18.20 -5.56 -0.39
C LEU A 23 17.80 -4.96 0.96
N GLN A 24 18.37 -5.46 2.06
CA GLN A 24 18.08 -4.86 3.37
C GLN A 24 18.59 -3.41 3.46
N LYS A 25 19.82 -3.17 2.98
CA LYS A 25 20.34 -1.81 2.98
C LYS A 25 19.51 -0.91 2.06
N ASP A 26 19.12 -1.45 0.90
CA ASP A 26 18.22 -0.67 0.04
C ASP A 26 16.91 -0.37 0.75
N LYS A 27 16.42 -1.30 1.58
CA LYS A 27 15.20 -1.05 2.35
C LYS A 27 15.40 0.10 3.33
N GLN A 28 16.52 0.11 4.04
CA GLN A 28 16.79 1.19 4.98
C GLN A 28 16.82 2.55 4.28
N VAL A 29 17.54 2.61 3.14
CA VAL A 29 17.68 3.89 2.45
C VAL A 29 16.35 4.34 1.86
N TYR A 30 15.55 3.41 1.32
CA TYR A 30 14.24 3.78 0.78
C TYR A 30 13.31 4.25 1.88
N ARG A 31 13.41 3.66 3.07
CA ARG A 31 12.52 4.02 4.16
C ARG A 31 12.90 5.36 4.78
N ALA A 32 14.19 5.74 4.72
CA ALA A 32 14.61 6.98 5.35
C ALA A 32 14.03 8.20 4.65
N THR A 33 13.98 8.21 3.31
CA THR A 33 13.67 9.43 2.58
C THR A 33 12.16 9.69 2.52
N HIS A 34 11.82 10.89 2.06
CA HIS A 34 10.44 11.32 1.86
C HIS A 34 10.27 11.74 0.40
N ARG A 35 9.20 11.30 -0.23
CA ARG A 35 8.97 11.51 -1.65
C ARG A 35 7.80 12.44 -1.87
N LEU A 36 7.99 13.47 -2.68
CA LEU A 36 6.96 14.47 -2.96
C LEU A 36 6.78 14.60 -4.46
N LEU A 37 5.55 14.48 -4.92
CA LEU A 37 5.24 14.84 -6.30
C LEU A 37 5.39 16.35 -6.46
N LEU A 38 5.61 16.79 -7.69
CA LEU A 38 5.76 18.22 -7.97
C LEU A 38 4.97 18.51 -9.24
N LEU A 39 3.70 18.86 -9.07
CA LEU A 39 2.77 19.09 -10.16
C LEU A 39 2.61 20.58 -10.34
N GLY A 40 2.63 21.05 -11.60
CA GLY A 40 2.56 22.46 -11.87
C GLY A 40 1.91 22.74 -13.22
N ALA A 41 1.82 24.01 -13.54
CA ALA A 41 1.26 24.44 -14.81
C ALA A 41 2.37 24.83 -15.78
N GLY A 42 1.99 24.98 -17.05
CA GLY A 42 2.96 25.37 -18.06
C GLY A 42 3.50 26.78 -17.87
N GLU A 43 2.62 27.72 -17.53
CA GLU A 43 3.06 29.11 -17.36
C GLU A 43 3.88 29.28 -16.10
N SER A 44 3.50 28.59 -15.02
CA SER A 44 4.23 28.70 -13.76
C SER A 44 5.67 28.26 -13.92
N GLY A 45 6.58 28.96 -13.26
CA GLY A 45 7.98 28.64 -13.40
C GLY A 45 8.45 27.60 -12.40
N LYS A 46 8.52 26.35 -12.84
CA LYS A 46 9.02 25.26 -12.00
C LYS A 46 10.52 25.08 -12.13
N ASN A 47 11.07 25.41 -13.29
CA ASN A 47 12.51 25.31 -13.49
C ASN A 47 13.26 26.22 -12.53
N THR A 48 12.73 27.42 -12.28
CA THR A 48 13.37 28.33 -11.33
C THR A 48 13.40 27.73 -9.94
N ILE A 49 12.30 27.13 -9.50
CA ILE A 49 12.23 26.56 -8.17
C ILE A 49 13.19 25.38 -8.03
N VAL A 50 13.22 24.50 -9.04
CA VAL A 50 14.12 23.35 -8.95
C VAL A 50 15.58 23.80 -9.02
N LYS A 51 15.87 24.86 -9.79
CA LYS A 51 17.22 25.41 -9.80
C LYS A 51 17.60 25.95 -8.43
N GLN A 52 16.66 26.64 -7.78
CA GLN A 52 16.94 27.17 -6.44
C GLN A 52 17.19 26.05 -5.44
N MET A 53 16.42 24.97 -5.51
CA MET A 53 16.76 23.82 -4.66
C MET A 53 18.07 23.15 -5.05
N ARG A 54 18.52 23.30 -6.30
CA ARG A 54 19.77 22.70 -6.71
C ARG A 54 20.96 23.30 -5.94
N ILE A 55 20.98 24.61 -5.77
CA ILE A 55 22.07 25.27 -5.06
C ILE A 55 21.93 25.04 -3.57
N SER A 182 14.72 11.28 -21.69
CA SER A 182 13.76 10.89 -20.66
C SER A 182 12.79 12.03 -20.37
N GLY A 183 11.49 11.72 -20.39
CA GLY A 183 10.49 12.73 -20.11
C GLY A 183 10.35 13.10 -18.65
N ILE A 184 10.70 12.20 -17.74
CA ILE A 184 10.58 12.45 -16.31
C ILE A 184 11.94 12.84 -15.76
N PHE A 185 11.94 13.74 -14.78
CA PHE A 185 13.14 14.19 -14.11
C PHE A 185 13.00 14.05 -12.60
N GLU A 186 14.13 13.99 -11.91
CA GLU A 186 14.14 13.90 -10.46
C GLU A 186 15.19 14.86 -9.91
N THR A 187 14.85 15.51 -8.79
CA THR A 187 15.76 16.39 -8.08
C THR A 187 15.78 15.97 -6.61
N LYS A 188 16.95 15.61 -6.12
CA LYS A 188 17.11 15.17 -4.74
C LYS A 188 17.86 16.22 -3.94
N PHE A 189 17.41 16.44 -2.70
CA PHE A 189 18.05 17.40 -1.82
C PHE A 189 17.66 17.08 -0.38
N GLN A 190 18.39 17.69 0.55
CA GLN A 190 18.06 17.60 1.97
C GLN A 190 17.97 19.01 2.53
N VAL A 191 16.93 19.26 3.33
CA VAL A 191 16.75 20.58 3.92
C VAL A 191 17.58 20.73 5.18
N ASP A 192 17.28 19.91 6.19
CA ASP A 192 18.09 19.87 7.41
C ASP A 192 18.78 18.53 7.57
N LYS A 193 18.01 17.45 7.70
CA LYS A 193 18.57 16.11 7.66
C LYS A 193 17.71 15.10 6.92
N VAL A 194 16.53 15.50 6.46
CA VAL A 194 15.61 14.59 5.77
C VAL A 194 15.90 14.65 4.27
N ASN A 195 15.86 13.50 3.61
CA ASN A 195 16.12 13.44 2.18
C ASN A 195 14.82 13.58 1.41
N PHE A 196 14.81 14.48 0.44
CA PHE A 196 13.61 14.84 -0.31
C PHE A 196 13.81 14.50 -1.77
N HIS A 197 12.80 13.89 -2.40
CA HIS A 197 12.84 13.52 -3.81
C HIS A 197 11.67 14.17 -4.51
N MET A 198 11.96 15.10 -5.42
CA MET A 198 10.93 15.85 -6.12
C MET A 198 10.77 15.29 -7.53
N PHE A 199 9.59 14.71 -7.80
CA PHE A 199 9.36 13.97 -9.03
C PHE A 199 8.64 14.88 -10.04
N ASP A 200 9.41 15.74 -10.68
CA ASP A 200 8.86 16.64 -11.68
C ASP A 200 8.46 15.85 -12.93
N VAL A 201 7.17 15.56 -13.06
CA VAL A 201 6.69 14.70 -14.13
C VAL A 201 6.60 15.50 -15.43
N GLY A 202 7.14 14.94 -16.51
CA GLY A 202 7.03 15.53 -17.82
C GLY A 202 6.91 14.50 -18.93
N ALA A 203 6.69 13.23 -18.56
CA ALA A 203 6.72 12.12 -19.50
C ALA A 203 5.35 11.53 -19.77
N GLN A 204 4.39 11.73 -18.88
CA GLN A 204 3.08 11.10 -19.02
C GLN A 204 2.26 11.75 -20.13
N ARG A 205 1.24 11.03 -20.57
CA ARG A 205 0.26 11.55 -21.52
C ARG A 205 -0.65 12.53 -20.79
N ASP A 206 -0.52 13.82 -21.13
CA ASP A 206 -1.06 14.88 -20.30
C ASP A 206 -2.55 14.71 -20.03
N GLU A 207 -3.33 14.44 -21.08
CA GLU A 207 -4.78 14.33 -20.95
C GLU A 207 -5.19 12.92 -20.51
N ARG A 208 -4.60 12.48 -19.41
CA ARG A 208 -4.87 11.13 -18.94
C ARG A 208 -4.68 11.08 -17.42
N ARG A 209 -5.32 10.09 -16.81
CA ARG A 209 -5.29 9.89 -15.37
C ARG A 209 -4.73 8.53 -14.97
N LYS A 210 -4.27 7.73 -15.93
CA LYS A 210 -3.77 6.40 -15.59
C LYS A 210 -2.48 6.47 -14.80
N TRP A 211 -1.61 7.44 -15.09
CA TRP A 211 -0.38 7.60 -14.34
C TRP A 211 -0.61 8.13 -12.93
N ILE A 212 -1.82 8.61 -12.63
CA ILE A 212 -2.07 9.27 -11.35
C ILE A 212 -2.04 8.26 -10.20
N GLN A 213 -2.65 7.10 -10.40
CA GLN A 213 -2.72 6.10 -9.33
C GLN A 213 -1.36 5.57 -8.93
N CYS A 214 -0.31 5.82 -9.73
CA CYS A 214 1.05 5.47 -9.35
C CYS A 214 1.56 6.30 -8.20
N PHE A 215 0.84 7.36 -7.81
CA PHE A 215 1.31 8.31 -6.81
C PHE A 215 0.35 8.42 -5.62
N ASN A 216 -0.09 7.28 -5.08
CA ASN A 216 -0.98 7.28 -3.92
C ASN A 216 -0.23 7.07 -2.61
N ASP A 217 1.10 7.14 -2.62
CA ASP A 217 1.90 6.95 -1.43
C ASP A 217 2.89 8.09 -1.20
N VAL A 218 2.81 9.18 -1.96
CA VAL A 218 3.68 10.31 -1.73
C VAL A 218 3.22 11.09 -0.50
N THR A 219 4.15 11.85 0.08
CA THR A 219 3.85 12.58 1.31
C THR A 219 2.95 13.79 1.02
N ALA A 220 3.25 14.53 -0.05
CA ALA A 220 2.48 15.72 -0.39
C ALA A 220 2.77 16.09 -1.83
N ILE A 221 1.79 16.77 -2.45
CA ILE A 221 1.92 17.27 -3.82
C ILE A 221 2.23 18.76 -3.74
N ILE A 222 3.33 19.17 -4.38
CA ILE A 222 3.70 20.59 -4.42
C ILE A 222 3.06 21.18 -5.66
N PHE A 223 1.79 21.56 -5.51
CA PHE A 223 1.11 22.28 -6.58
C PHE A 223 1.74 23.67 -6.73
N VAL A 224 2.00 24.07 -7.97
CA VAL A 224 2.65 25.36 -8.24
C VAL A 224 1.86 26.04 -9.35
N VAL A 225 1.14 27.10 -9.01
CA VAL A 225 0.54 28.01 -9.97
C VAL A 225 0.95 29.43 -9.59
N ALA A 226 1.47 30.17 -10.56
CA ALA A 226 1.95 31.51 -10.28
C ALA A 226 0.80 32.50 -10.23
N SER A 227 0.95 33.52 -9.38
CA SER A 227 -0.12 34.49 -9.18
C SER A 227 -0.43 35.29 -10.44
N SER A 228 0.62 35.73 -11.15
CA SER A 228 0.42 36.58 -12.32
C SER A 228 -0.34 35.83 -13.40
N SER A 229 -1.18 36.56 -14.13
CA SER A 229 -1.98 36.00 -15.21
C SER A 229 -1.73 36.66 -16.55
N TYR A 230 -0.75 37.57 -16.63
CA TYR A 230 -0.48 38.37 -17.84
C TYR A 230 -1.76 39.14 -18.16
N ASN A 231 -2.38 38.96 -19.32
CA ASN A 231 -3.67 39.58 -19.61
C ASN A 231 -4.54 38.56 -20.35
N MET A 232 -5.32 37.78 -19.58
CA MET A 232 -6.24 36.79 -20.13
C MET A 232 -5.50 35.79 -21.02
N VAL A 233 -4.63 35.01 -20.40
CA VAL A 233 -3.82 34.02 -21.10
C VAL A 233 -4.29 32.64 -20.71
N ILE A 234 -4.62 31.82 -21.70
CA ILE A 234 -5.14 30.48 -21.47
C ILE A 234 -3.99 29.51 -21.30
N ARG A 235 -4.15 28.55 -20.37
CA ARG A 235 -3.13 27.53 -20.17
C ARG A 235 -3.00 26.64 -21.40
N GLU A 236 -4.12 26.27 -21.99
CA GLU A 236 -4.14 25.43 -23.19
C GLU A 236 -5.07 26.05 -24.22
N ASP A 237 -4.99 25.54 -25.45
CA ASP A 237 -5.79 26.10 -26.55
C ASP A 237 -7.28 25.97 -26.27
N ASN A 238 -7.71 24.80 -25.80
CA ASN A 238 -9.12 24.60 -25.48
C ASN A 238 -9.44 25.01 -24.05
N GLN A 239 -8.44 25.13 -23.20
CA GLN A 239 -8.68 25.49 -21.80
C GLN A 239 -9.03 26.96 -21.67
N THR A 240 -9.66 27.30 -20.55
CA THR A 240 -10.07 28.65 -20.26
C THR A 240 -8.85 29.45 -19.80
N ASN A 241 -9.07 30.68 -19.34
CA ASN A 241 -7.97 31.52 -18.87
C ASN A 241 -7.25 30.87 -17.70
N ARG A 242 -6.07 31.41 -17.37
CA ARG A 242 -5.21 30.78 -16.38
C ARG A 242 -5.90 30.72 -15.02
N LEU A 243 -6.53 31.82 -14.61
CA LEU A 243 -7.18 31.84 -13.31
C LEU A 243 -8.46 31.00 -13.28
N GLN A 244 -8.80 30.34 -14.38
CA GLN A 244 -9.89 29.39 -14.45
C GLN A 244 -9.42 27.98 -14.73
N ALA A 245 -8.44 27.82 -15.64
CA ALA A 245 -7.86 26.51 -15.87
C ALA A 245 -7.15 25.99 -14.63
N ALA A 246 -6.45 26.87 -13.90
CA ALA A 246 -5.81 26.47 -12.66
C ALA A 246 -6.84 26.01 -11.63
N LEU A 247 -7.97 26.72 -11.56
CA LEU A 247 -9.03 26.31 -10.64
C LEU A 247 -9.59 24.94 -11.01
N LYS A 248 -9.83 24.70 -12.31
CA LYS A 248 -10.33 23.40 -12.73
C LYS A 248 -9.32 22.29 -12.43
N LEU A 249 -8.03 22.56 -12.66
CA LEU A 249 -6.99 21.58 -12.37
C LEU A 249 -6.95 21.25 -10.88
N PHE A 250 -7.00 22.28 -10.03
CA PHE A 250 -6.99 22.05 -8.59
C PHE A 250 -8.22 21.28 -8.16
N ASP A 251 -9.38 21.60 -8.71
CA ASP A 251 -10.61 20.88 -8.36
C ASP A 251 -10.49 19.41 -8.73
N SER A 252 -10.04 19.12 -9.95
CA SER A 252 -9.94 17.73 -10.40
C SER A 252 -8.94 16.95 -9.55
N ILE A 253 -7.81 17.56 -9.22
CA ILE A 253 -6.83 16.88 -8.38
C ILE A 253 -7.38 16.67 -6.97
N TRP A 254 -8.13 17.64 -6.45
CA TRP A 254 -8.64 17.55 -5.09
C TRP A 254 -9.70 16.46 -4.95
N ASN A 255 -10.60 16.35 -5.94
CA ASN A 255 -11.71 15.42 -5.83
C ASN A 255 -11.39 14.03 -6.36
N ASN A 256 -10.16 13.77 -6.80
CA ASN A 256 -9.80 12.46 -7.32
C ASN A 256 -9.81 11.43 -6.20
N LYS A 257 -10.38 10.26 -6.48
CA LYS A 257 -10.57 9.26 -5.42
C LYS A 257 -9.25 8.61 -5.02
N TRP A 258 -8.30 8.46 -5.97
CA TRP A 258 -7.03 7.84 -5.64
C TRP A 258 -6.18 8.77 -4.78
N LEU A 259 -6.41 10.09 -4.90
CA LEU A 259 -5.68 11.07 -4.11
C LEU A 259 -6.61 11.60 -3.02
N ARG A 260 -6.57 10.93 -1.87
CA ARG A 260 -7.45 11.27 -0.76
C ARG A 260 -6.73 11.33 0.58
N ASP A 261 -5.48 10.87 0.66
CA ASP A 261 -4.71 10.95 1.89
C ASP A 261 -3.46 11.81 1.73
N THR A 262 -3.42 12.66 0.72
CA THR A 262 -2.25 13.47 0.42
C THR A 262 -2.60 14.94 0.54
N SER A 263 -1.78 15.69 1.27
CA SER A 263 -2.04 17.09 1.56
C SER A 263 -1.44 17.96 0.46
N VAL A 264 -2.29 18.69 -0.26
CA VAL A 264 -1.83 19.54 -1.35
C VAL A 264 -1.19 20.80 -0.77
N ILE A 265 -0.06 21.21 -1.35
CA ILE A 265 0.65 22.40 -0.93
C ILE A 265 0.63 23.39 -2.10
N LEU A 266 -0.25 24.38 -2.05
CA LEU A 266 -0.21 25.44 -3.04
C LEU A 266 1.08 26.24 -2.92
N PHE A 267 1.49 26.85 -4.03
CA PHE A 267 2.75 27.56 -4.09
C PHE A 267 2.58 28.62 -5.16
N LEU A 268 2.26 29.85 -4.74
CA LEU A 268 2.00 30.91 -5.70
C LEU A 268 3.28 31.65 -6.02
N ASN A 269 3.60 31.73 -7.32
CA ASN A 269 4.84 32.30 -7.82
C ASN A 269 4.53 33.56 -8.63
N LYS A 270 5.58 34.19 -9.14
CA LYS A 270 5.47 35.40 -9.96
C LYS A 270 4.67 36.49 -9.24
N GLN A 271 4.89 36.60 -7.92
CA GLN A 271 4.09 37.51 -7.12
C GLN A 271 4.48 38.96 -7.37
N ASP A 272 5.79 39.23 -7.44
CA ASP A 272 6.25 40.60 -7.67
C ASP A 272 5.86 41.08 -9.06
N LEU A 273 5.82 40.17 -10.03
CA LEU A 273 5.36 40.55 -11.36
C LEU A 273 3.91 40.99 -11.34
N LEU A 274 3.09 40.35 -10.51
CA LEU A 274 1.72 40.82 -10.31
C LEU A 274 1.71 42.14 -9.55
N ALA A 275 2.66 42.33 -8.64
CA ALA A 275 2.74 43.59 -7.90
C ALA A 275 2.99 44.76 -8.84
N GLU A 276 3.87 44.57 -9.83
CA GLU A 276 4.07 45.59 -10.85
C GLU A 276 3.01 45.55 -11.94
N LYS A 277 2.15 44.53 -11.95
CA LYS A 277 1.11 44.41 -12.96
C LYS A 277 -0.13 45.21 -12.60
N VAL A 278 -0.67 44.98 -11.40
CA VAL A 278 -1.89 45.67 -10.96
C VAL A 278 -1.61 47.06 -10.41
N LEU A 279 -0.34 47.39 -10.15
CA LEU A 279 0.00 48.70 -9.61
C LEU A 279 -0.41 49.81 -10.56
N ALA A 280 -0.15 49.64 -11.86
CA ALA A 280 -0.55 50.66 -12.83
C ALA A 280 -2.06 50.75 -12.96
N GLY A 281 -2.76 49.64 -12.76
CA GLY A 281 -4.20 49.63 -12.81
C GLY A 281 -4.80 49.48 -14.19
N LYS A 282 -3.98 49.45 -15.24
CA LYS A 282 -4.53 49.28 -16.59
C LYS A 282 -5.13 47.89 -16.77
N SER A 283 -4.43 46.85 -16.32
CA SER A 283 -4.92 45.48 -16.40
C SER A 283 -5.52 45.04 -15.06
N LYS A 284 -6.68 45.60 -14.76
CA LYS A 284 -7.36 45.30 -13.51
C LYS A 284 -7.85 43.86 -13.49
N ILE A 285 -8.05 43.33 -12.29
CA ILE A 285 -8.58 41.97 -12.14
C ILE A 285 -9.99 41.88 -12.71
N GLU A 286 -10.69 43.01 -12.84
CA GLU A 286 -12.04 43.04 -13.39
C GLU A 286 -12.09 42.74 -14.87
N ASP A 287 -10.94 42.47 -15.52
CA ASP A 287 -10.95 42.20 -16.95
C ASP A 287 -11.75 40.95 -17.28
N TYR A 288 -11.62 39.90 -16.46
CA TYR A 288 -12.45 38.70 -16.63
C TYR A 288 -12.98 38.17 -15.31
N PHE A 289 -12.92 38.96 -14.24
CA PHE A 289 -13.48 38.57 -12.95
C PHE A 289 -14.54 39.58 -12.54
N PRO A 290 -15.83 39.24 -12.59
CA PRO A 290 -16.86 40.20 -12.19
C PRO A 290 -16.80 40.60 -10.72
N GLU A 291 -16.14 39.81 -9.88
CA GLU A 291 -15.93 40.17 -8.49
C GLU A 291 -14.63 40.97 -8.35
N PHE A 292 -14.15 41.11 -7.12
CA PHE A 292 -13.01 41.91 -6.68
C PHE A 292 -13.38 43.39 -6.60
N ALA A 293 -14.56 43.80 -7.09
CA ALA A 293 -15.05 45.14 -6.82
C ALA A 293 -15.77 45.21 -5.49
N ARG A 294 -16.50 44.16 -5.13
CA ARG A 294 -17.16 44.07 -3.82
C ARG A 294 -16.30 43.38 -2.78
N TYR A 295 -15.13 42.85 -3.16
CA TYR A 295 -14.26 42.18 -2.21
C TYR A 295 -13.58 43.18 -1.29
N THR A 296 -13.45 42.79 -0.01
CA THR A 296 -12.74 43.56 0.98
C THR A 296 -11.75 42.67 1.70
N THR A 297 -10.59 43.22 2.05
CA THR A 297 -9.54 42.42 2.66
C THR A 297 -9.97 41.94 4.05
N PRO A 298 -9.66 40.69 4.40
CA PRO A 298 -9.96 40.20 5.74
C PRO A 298 -8.90 40.64 6.73
N GLU A 299 -9.18 40.38 8.01
CA GLU A 299 -8.23 40.72 9.06
C GLU A 299 -6.96 39.87 8.99
N ASP A 300 -7.00 38.74 8.28
CA ASP A 300 -5.83 37.89 8.16
C ASP A 300 -4.69 38.56 7.41
N ALA A 301 -4.98 39.54 6.57
CA ALA A 301 -3.96 40.21 5.77
C ALA A 301 -2.94 40.91 6.66
N THR A 302 -1.72 40.38 6.69
CA THR A 302 -0.64 40.94 7.52
C THR A 302 0.61 41.10 6.67
N PRO A 303 0.68 42.16 5.86
CA PRO A 303 1.92 42.47 5.11
C PRO A 303 2.95 43.18 5.99
N GLU A 304 3.73 42.37 6.72
CA GLU A 304 4.65 42.92 7.70
C GLU A 304 5.65 43.91 7.12
N PRO A 305 6.29 43.67 5.97
CA PRO A 305 7.12 44.72 5.37
C PRO A 305 6.33 45.97 5.02
N GLY A 306 5.02 45.86 4.79
CA GLY A 306 4.19 47.02 4.56
C GLY A 306 4.28 47.61 3.17
N GLU A 307 4.79 46.86 2.19
CA GLU A 307 4.95 47.40 0.84
C GLU A 307 3.60 47.42 0.12
N ASP A 308 3.27 48.58 -0.46
CA ASP A 308 2.13 48.81 -1.33
C ASP A 308 0.89 48.03 -0.89
N PRO A 309 0.23 48.44 0.20
CA PRO A 309 -0.90 47.66 0.71
C PRO A 309 -2.08 47.55 -0.25
N ARG A 310 -2.00 48.14 -1.44
CA ARG A 310 -3.08 47.99 -2.41
C ARG A 310 -3.12 46.59 -3.00
N VAL A 311 -1.95 46.00 -3.28
CA VAL A 311 -1.91 44.68 -3.91
C VAL A 311 -2.34 43.57 -2.95
N THR A 312 -2.31 43.84 -1.65
CA THR A 312 -2.70 42.82 -0.67
C THR A 312 -4.13 42.35 -0.90
N ARG A 313 -5.02 43.27 -1.27
CA ARG A 313 -6.38 42.90 -1.61
C ARG A 313 -6.41 41.85 -2.72
N ALA A 314 -5.66 42.08 -3.79
CA ALA A 314 -5.67 41.17 -4.92
C ALA A 314 -5.06 39.81 -4.56
N LYS A 315 -3.91 39.82 -3.88
CA LYS A 315 -3.27 38.54 -3.57
C LYS A 315 -4.13 37.72 -2.61
N TYR A 316 -4.74 38.37 -1.62
CA TYR A 316 -5.62 37.63 -0.73
C TYR A 316 -6.90 37.21 -1.45
N PHE A 317 -7.30 37.93 -2.50
CA PHE A 317 -8.40 37.45 -3.32
C PHE A 317 -8.06 36.12 -3.98
N ILE A 318 -6.93 36.08 -4.70
CA ILE A 318 -6.61 34.85 -5.42
C ILE A 318 -6.40 33.72 -4.43
N ARG A 319 -5.80 34.01 -3.28
CA ARG A 319 -5.70 33.00 -2.22
C ARG A 319 -7.08 32.54 -1.77
N ASP A 320 -8.08 33.44 -1.80
CA ASP A 320 -9.37 33.01 -1.26
C ASP A 320 -10.10 32.10 -2.23
N GLU A 321 -10.04 32.34 -3.55
CA GLU A 321 -10.70 31.37 -4.42
C GLU A 321 -9.92 30.06 -4.46
N PHE A 322 -8.60 30.10 -4.29
CA PHE A 322 -7.87 28.84 -4.16
C PHE A 322 -8.28 28.09 -2.90
N LEU A 323 -8.57 28.80 -1.81
CA LEU A 323 -8.91 28.12 -0.56
C LEU A 323 -10.38 27.73 -0.49
N ARG A 324 -11.25 28.33 -1.31
CA ARG A 324 -12.66 27.94 -1.29
C ARG A 324 -12.85 26.50 -1.73
N ILE A 325 -12.08 26.05 -2.73
CA ILE A 325 -12.24 24.71 -3.27
C ILE A 325 -11.87 23.65 -2.24
N SER A 326 -10.86 23.92 -1.41
CA SER A 326 -10.35 22.90 -0.50
C SER A 326 -11.36 22.51 0.57
N THR A 327 -12.41 23.30 0.77
CA THR A 327 -13.41 23.01 1.79
C THR A 327 -14.59 22.20 1.27
N ALA A 328 -14.65 21.94 -0.04
CA ALA A 328 -15.77 21.19 -0.58
C ALA A 328 -15.73 19.73 -0.15
N SER A 329 -14.57 19.09 -0.29
CA SER A 329 -14.40 17.68 0.07
C SER A 329 -13.50 17.49 1.28
N GLY A 330 -13.08 18.57 1.93
CA GLY A 330 -12.23 18.47 3.10
C GLY A 330 -12.93 17.81 4.27
N ASP A 331 -12.53 16.58 4.59
CA ASP A 331 -13.13 15.85 5.69
C ASP A 331 -12.09 15.37 6.68
N GLY A 332 -11.06 16.18 6.94
CA GLY A 332 -10.06 15.87 7.92
C GLY A 332 -8.95 14.95 7.46
N ARG A 333 -9.00 14.49 6.21
CA ARG A 333 -7.96 13.59 5.69
C ARG A 333 -6.85 14.32 4.94
N HIS A 334 -7.15 15.44 4.28
CA HIS A 334 -6.13 16.18 3.56
C HIS A 334 -6.43 17.67 3.63
N TYR A 335 -5.36 18.45 3.81
CA TYR A 335 -5.40 19.89 4.06
C TYR A 335 -4.83 20.65 2.86
N CYS A 336 -4.68 21.97 3.03
CA CYS A 336 -4.07 22.82 2.02
C CYS A 336 -3.20 23.87 2.70
N TYR A 337 -2.08 24.21 2.06
CA TYR A 337 -1.08 25.12 2.63
C TYR A 337 -0.68 26.19 1.62
N PRO A 338 -1.46 27.25 1.48
CA PRO A 338 -1.10 28.31 0.53
C PRO A 338 0.18 29.02 0.92
N HIS A 339 0.77 29.70 -0.06
CA HIS A 339 2.01 30.43 0.13
C HIS A 339 2.08 31.57 -0.89
N PHE A 340 2.98 32.52 -0.63
CA PHE A 340 3.18 33.68 -1.50
C PHE A 340 4.68 33.81 -1.76
N THR A 341 5.11 33.41 -2.96
CA THR A 341 6.52 33.39 -3.33
C THR A 341 6.76 34.38 -4.47
N CYS A 342 7.75 35.24 -4.29
CA CYS A 342 8.09 36.26 -5.28
C CYS A 342 9.35 35.83 -6.02
N SER A 343 9.23 35.62 -7.34
CA SER A 343 10.36 35.30 -8.20
C SER A 343 11.14 34.10 -7.69
N VAL A 344 12.41 34.31 -7.34
CA VAL A 344 13.30 33.25 -6.88
C VAL A 344 13.82 33.63 -5.49
N ASP A 345 13.76 32.68 -4.56
CA ASP A 345 14.25 32.89 -3.21
C ASP A 345 14.57 31.53 -2.60
N THR A 346 15.50 31.55 -1.63
CA THR A 346 15.96 30.29 -1.03
C THR A 346 14.91 29.69 -0.11
N GLU A 347 14.03 30.53 0.47
CA GLU A 347 13.07 30.03 1.44
C GLU A 347 12.15 28.97 0.87
N ASN A 348 12.04 28.88 -0.46
CA ASN A 348 11.21 27.84 -1.07
C ASN A 348 11.62 26.46 -0.59
N ILE A 349 12.90 26.29 -0.23
CA ILE A 349 13.32 25.05 0.40
C ILE A 349 12.64 24.90 1.75
N ARG A 350 12.94 25.83 2.66
CA ARG A 350 12.59 25.65 4.08
C ARG A 350 11.10 25.44 4.25
N ARG A 351 10.28 26.24 3.58
CA ARG A 351 8.83 26.14 3.71
C ARG A 351 8.38 24.69 3.53
N VAL A 352 8.87 24.04 2.48
CA VAL A 352 8.43 22.67 2.19
C VAL A 352 8.66 21.80 3.41
N PHE A 353 9.88 21.85 3.95
CA PHE A 353 10.22 21.14 5.17
C PHE A 353 9.10 21.30 6.20
N ASN A 354 8.86 22.55 6.60
CA ASN A 354 7.88 22.80 7.65
C ASN A 354 6.55 22.17 7.31
N ASP A 355 6.05 22.40 6.09
CA ASP A 355 4.74 21.89 5.73
C ASP A 355 4.69 20.39 5.93
N CYS A 356 5.70 19.66 5.41
CA CYS A 356 5.68 18.21 5.53
C CYS A 356 5.59 17.79 6.99
N ARG A 357 6.37 18.44 7.86
CA ARG A 357 6.33 18.09 9.27
C ARG A 357 4.91 18.13 9.79
N ASP A 358 4.24 19.26 9.58
CA ASP A 358 2.88 19.40 10.10
C ASP A 358 2.00 18.28 9.61
N ILE A 359 2.10 17.96 8.31
CA ILE A 359 1.23 16.94 7.74
C ILE A 359 1.38 15.65 8.51
N ILE A 360 2.62 15.22 8.71
CA ILE A 360 2.83 13.92 9.34
C ILE A 360 2.28 13.93 10.75
N GLN A 361 2.45 15.06 11.47
CA GLN A 361 1.90 15.13 12.82
C GLN A 361 0.43 14.79 12.83
N ARG A 362 -0.35 15.42 11.95
CA ARG A 362 -1.78 15.15 11.96
C ARG A 362 -2.05 13.71 11.55
N MET A 363 -1.26 13.19 10.60
CA MET A 363 -1.42 11.80 10.20
C MET A 363 -1.13 10.84 11.36
N HIS A 364 -0.31 11.27 12.31
CA HIS A 364 -0.01 10.45 13.48
C HIS A 364 -0.86 10.82 14.69
N LEU A 365 -1.79 11.76 14.55
CA LEU A 365 -2.70 12.10 15.63
C LEU A 365 -4.12 11.67 15.33
N ARG A 366 -4.35 11.04 14.18
CA ARG A 366 -5.64 10.42 13.88
C ARG A 366 -5.60 8.92 14.09
N GLN A 367 -4.42 8.31 14.11
CA GLN A 367 -4.27 6.90 14.40
C GLN A 367 -4.44 6.58 15.88
N TYR A 368 -4.25 7.55 16.76
CA TYR A 368 -4.30 7.33 18.19
C TYR A 368 -5.45 8.04 18.87
N GLU A 369 -6.42 8.53 18.10
CA GLU A 369 -7.61 9.20 18.63
C GLU A 369 -7.23 10.35 19.58
N LEU A 370 -6.23 11.12 19.18
CA LEU A 370 -5.83 12.32 19.89
C LEU A 370 -6.23 13.61 19.17
N LEU A 371 -6.56 13.53 17.89
CA LEU A 371 -6.97 14.70 17.14
C LEU A 371 -8.23 14.41 16.33
N GLU B 19 -15.99 18.64 -48.87
CA GLU B 19 -15.51 17.27 -49.06
C GLU B 19 -15.51 16.49 -47.75
N LEU B 20 -15.40 17.22 -46.63
CA LEU B 20 -15.42 16.57 -45.33
C LEU B 20 -16.76 15.88 -45.07
N ASP B 21 -17.86 16.54 -45.45
CA ASP B 21 -19.17 15.93 -45.29
C ASP B 21 -19.30 14.64 -46.10
N GLN B 22 -18.77 14.64 -47.33
CA GLN B 22 -18.80 13.44 -48.15
C GLN B 22 -18.02 12.31 -47.49
N LEU B 23 -16.85 12.61 -46.94
CA LEU B 23 -16.07 11.59 -46.26
C LEU B 23 -16.82 11.05 -45.04
N ARG B 24 -17.45 11.94 -44.26
CA ARG B 24 -18.22 11.50 -43.11
C ARG B 24 -19.37 10.58 -43.52
N GLN B 25 -20.10 10.98 -44.57
CA GLN B 25 -21.25 10.17 -44.99
C GLN B 25 -20.81 8.82 -45.54
N GLU B 26 -19.72 8.78 -46.31
CA GLU B 26 -19.25 7.50 -46.84
C GLU B 26 -18.72 6.61 -45.72
N ALA B 27 -18.07 7.19 -44.70
CA ALA B 27 -17.66 6.40 -43.55
C ALA B 27 -18.86 5.83 -42.81
N GLU B 28 -19.93 6.63 -42.66
CA GLU B 28 -21.13 6.13 -42.00
C GLU B 28 -21.78 5.02 -42.82
N GLN B 29 -21.79 5.16 -44.15
CA GLN B 29 -22.34 4.11 -45.00
C GLN B 29 -21.53 2.82 -44.87
N LEU B 30 -20.20 2.93 -44.84
CA LEU B 30 -19.35 1.76 -44.65
C LEU B 30 -19.61 1.11 -43.30
N LYS B 31 -19.77 1.92 -42.25
CA LYS B 31 -20.05 1.39 -40.93
C LYS B 31 -21.40 0.66 -40.92
N ASN B 32 -22.41 1.25 -41.56
CA ASN B 32 -23.71 0.59 -41.64
C ASN B 32 -23.60 -0.74 -42.37
N GLN B 33 -22.85 -0.77 -43.48
CA GLN B 33 -22.69 -2.01 -44.23
C GLN B 33 -22.00 -3.09 -43.40
N ILE B 34 -20.92 -2.72 -42.71
CA ILE B 34 -20.17 -3.72 -41.96
C ILE B 34 -20.99 -4.20 -40.76
N ARG B 35 -21.75 -3.32 -40.12
CA ARG B 35 -22.60 -3.76 -39.01
C ARG B 35 -23.73 -4.66 -39.49
N ASP B 36 -24.30 -4.36 -40.66
CA ASP B 36 -25.32 -5.24 -41.23
C ASP B 36 -24.74 -6.62 -41.55
N ALA B 37 -23.54 -6.65 -42.12
CA ALA B 37 -22.88 -7.92 -42.40
C ALA B 37 -22.60 -8.70 -41.11
N ARG B 38 -22.16 -7.99 -40.06
CA ARG B 38 -21.91 -8.64 -38.79
C ARG B 38 -23.19 -9.21 -38.19
N LYS B 39 -24.29 -8.46 -38.26
CA LYS B 39 -25.56 -8.94 -37.76
C LYS B 39 -26.05 -10.15 -38.55
N ALA B 40 -25.85 -10.14 -39.87
CA ALA B 40 -26.28 -11.27 -40.69
C ALA B 40 -25.54 -12.54 -40.32
N CYS B 41 -24.24 -12.43 -40.03
CA CYS B 41 -23.45 -13.61 -39.69
C CYS B 41 -23.81 -14.16 -38.31
N ALA B 42 -24.18 -13.28 -37.37
CA ALA B 42 -24.47 -13.69 -35.99
C ALA B 42 -25.88 -14.30 -35.92
N ASP B 43 -25.97 -15.52 -36.44
CA ASP B 43 -27.23 -16.27 -36.45
C ASP B 43 -27.22 -17.46 -35.48
N ALA B 44 -26.18 -17.59 -34.66
CA ALA B 44 -26.07 -18.72 -33.75
C ALA B 44 -25.37 -18.27 -32.47
N THR B 45 -25.55 -19.07 -31.42
CA THR B 45 -24.91 -18.82 -30.13
C THR B 45 -24.61 -20.16 -29.48
N LEU B 46 -23.67 -20.13 -28.54
CA LEU B 46 -23.20 -21.35 -27.88
C LEU B 46 -23.72 -21.50 -26.46
N SER B 47 -24.63 -20.64 -26.01
CA SER B 47 -25.13 -20.74 -24.65
C SER B 47 -25.86 -22.07 -24.43
N GLN B 48 -26.73 -22.45 -25.37
CA GLN B 48 -27.48 -23.70 -25.21
C GLN B 48 -26.55 -24.90 -25.24
N ILE B 49 -25.61 -24.94 -26.18
CA ILE B 49 -24.75 -26.11 -26.30
C ILE B 49 -23.80 -26.22 -25.11
N THR B 50 -23.30 -25.09 -24.59
CA THR B 50 -22.49 -25.14 -23.39
C THR B 50 -23.31 -25.45 -22.15
N ASN B 51 -24.62 -25.19 -22.17
CA ASN B 51 -25.49 -25.67 -21.11
C ASN B 51 -25.69 -27.18 -21.20
N ASN B 52 -25.69 -27.73 -22.42
CA ASN B 52 -25.82 -29.18 -22.58
C ASN B 52 -24.64 -29.94 -21.98
N ILE B 53 -23.43 -29.41 -22.13
CA ILE B 53 -22.24 -30.12 -21.67
C ILE B 53 -22.22 -30.16 -20.14
N ASP B 54 -21.61 -31.22 -19.61
CA ASP B 54 -21.56 -31.42 -18.17
C ASP B 54 -20.70 -30.35 -17.50
N PRO B 55 -21.14 -29.77 -16.39
CA PRO B 55 -20.31 -28.82 -15.67
C PRO B 55 -19.10 -29.48 -15.04
N VAL B 56 -18.03 -28.69 -14.89
CA VAL B 56 -16.78 -29.21 -14.31
C VAL B 56 -16.97 -29.52 -12.84
N GLY B 57 -17.75 -28.70 -12.12
CA GLY B 57 -18.03 -28.97 -10.73
C GLY B 57 -17.36 -28.03 -9.75
N ARG B 58 -16.94 -28.56 -8.61
CA ARG B 58 -16.33 -27.78 -7.56
C ARG B 58 -14.82 -27.75 -7.74
N ILE B 59 -14.24 -26.54 -7.70
CA ILE B 59 -12.80 -26.35 -7.82
C ILE B 59 -12.32 -25.54 -6.62
N GLN B 60 -11.25 -26.02 -5.99
CA GLN B 60 -10.63 -25.30 -4.88
C GLN B 60 -9.12 -25.53 -4.94
N MET B 61 -8.37 -24.45 -4.76
CA MET B 61 -6.91 -24.51 -4.75
C MET B 61 -6.38 -23.78 -3.52
N ARG B 62 -5.21 -24.19 -3.07
CA ARG B 62 -4.57 -23.61 -1.90
C ARG B 62 -3.14 -23.21 -2.25
N THR B 63 -2.69 -22.12 -1.65
CA THR B 63 -1.35 -21.63 -1.90
C THR B 63 -0.32 -22.69 -1.53
N ARG B 64 0.74 -22.79 -2.34
CA ARG B 64 1.81 -23.76 -2.08
C ARG B 64 3.08 -23.09 -1.59
N ARG B 65 3.55 -22.06 -2.29
CA ARG B 65 4.72 -21.30 -1.88
C ARG B 65 4.33 -19.83 -1.77
N THR B 66 5.17 -19.06 -1.08
CA THR B 66 4.98 -17.62 -0.94
C THR B 66 6.31 -16.92 -1.18
N LEU B 67 6.34 -16.02 -2.16
CA LEU B 67 7.54 -15.28 -2.51
C LEU B 67 7.42 -13.87 -1.98
N ARG B 68 8.46 -13.41 -1.27
CA ARG B 68 8.44 -12.10 -0.64
C ARG B 68 9.84 -11.52 -0.62
N GLY B 69 9.91 -10.19 -0.51
CA GLY B 69 11.18 -9.50 -0.51
C GLY B 69 11.16 -8.18 -1.26
N HIS B 70 10.03 -7.84 -1.85
CA HIS B 70 9.91 -6.53 -2.49
C HIS B 70 9.59 -5.47 -1.44
N LEU B 71 9.79 -4.21 -1.83
CA LEU B 71 9.58 -3.10 -0.91
C LEU B 71 8.23 -2.42 -1.10
N ALA B 72 7.85 -2.15 -2.34
CA ALA B 72 6.59 -1.48 -2.63
C ALA B 72 5.70 -2.38 -3.47
N LYS B 73 4.58 -1.86 -3.96
CA LYS B 73 3.63 -2.69 -4.67
C LYS B 73 4.22 -3.23 -5.97
N ILE B 74 4.04 -4.53 -6.20
CA ILE B 74 4.57 -5.20 -7.38
C ILE B 74 3.74 -4.79 -8.59
N TYR B 75 4.41 -4.39 -9.67
CA TYR B 75 3.67 -3.90 -10.83
C TYR B 75 3.60 -4.87 -12.00
N ALA B 76 4.47 -5.89 -12.04
CA ALA B 76 4.43 -6.84 -13.16
C ALA B 76 5.07 -8.14 -12.71
N MET B 77 4.95 -9.14 -13.59
CA MET B 77 5.53 -10.46 -13.38
C MET B 77 5.49 -11.26 -14.68
N HIS B 78 6.59 -11.90 -15.05
CA HIS B 78 6.64 -12.71 -16.26
C HIS B 78 7.47 -13.95 -15.99
N TRP B 79 7.21 -15.00 -16.76
CA TRP B 79 7.76 -16.33 -16.53
C TRP B 79 8.62 -16.80 -17.70
N GLY B 80 9.65 -17.57 -17.39
CA GLY B 80 10.52 -18.09 -18.42
C GLY B 80 10.06 -19.45 -18.93
N THR B 81 10.52 -19.78 -20.14
CA THR B 81 10.13 -21.02 -20.78
C THR B 81 10.52 -22.25 -19.99
N ASP B 82 11.54 -22.17 -19.14
CA ASP B 82 11.90 -23.27 -18.26
C ASP B 82 10.86 -23.51 -17.18
N SER B 83 9.93 -22.58 -16.99
CA SER B 83 8.82 -22.72 -16.05
C SER B 83 9.32 -22.89 -14.62
N ARG B 84 10.56 -22.46 -14.37
CA ARG B 84 11.16 -22.59 -13.06
C ARG B 84 11.45 -21.22 -12.46
N LEU B 85 12.12 -20.37 -13.22
CA LEU B 85 12.49 -19.05 -12.76
C LEU B 85 11.60 -17.99 -13.39
N LEU B 86 11.50 -16.83 -12.74
CA LEU B 86 10.63 -15.76 -13.25
C LEU B 86 11.20 -14.41 -12.79
N VAL B 87 10.51 -13.33 -13.16
CA VAL B 87 10.96 -11.97 -12.88
C VAL B 87 9.82 -11.18 -12.25
N SER B 88 10.20 -10.14 -11.49
CA SER B 88 9.21 -9.26 -10.89
C SER B 88 9.78 -7.84 -10.80
N ALA B 89 8.91 -6.85 -11.00
CA ALA B 89 9.29 -5.44 -10.99
C ALA B 89 8.55 -4.70 -9.88
N SER B 90 9.29 -3.90 -9.12
CA SER B 90 8.71 -3.18 -7.99
C SER B 90 8.70 -1.68 -8.26
N GLN B 91 7.75 -1.00 -7.61
CA GLN B 91 7.69 0.45 -7.65
C GLN B 91 8.93 1.10 -7.06
N ASP B 92 9.66 0.37 -6.22
CA ASP B 92 10.96 0.85 -5.75
C ASP B 92 11.90 1.15 -6.91
N GLY B 93 11.93 0.28 -7.90
CA GLY B 93 12.95 0.30 -8.92
C GLY B 93 13.82 -0.93 -8.93
N LYS B 94 13.31 -2.07 -8.47
CA LYS B 94 14.05 -3.31 -8.41
C LYS B 94 13.43 -4.31 -9.38
N LEU B 95 14.28 -4.96 -10.16
CA LEU B 95 13.89 -6.07 -11.02
C LEU B 95 14.56 -7.31 -10.47
N ILE B 96 13.79 -8.23 -9.93
CA ILE B 96 14.33 -9.38 -9.22
C ILE B 96 13.95 -10.65 -9.96
N ILE B 97 14.94 -11.52 -10.20
CA ILE B 97 14.75 -12.78 -10.88
C ILE B 97 14.78 -13.89 -9.84
N TRP B 98 13.64 -14.58 -9.71
CA TRP B 98 13.33 -15.60 -8.72
C TRP B 98 13.55 -16.99 -9.32
N ASP B 99 13.80 -17.95 -8.43
CA ASP B 99 13.73 -19.37 -8.74
C ASP B 99 12.57 -19.93 -7.93
N SER B 100 11.48 -20.30 -8.61
CA SER B 100 10.23 -20.59 -7.91
C SER B 100 10.25 -21.94 -7.22
N TYR B 101 10.95 -22.92 -7.80
CA TYR B 101 10.96 -24.26 -7.22
C TYR B 101 11.60 -24.27 -5.84
N THR B 102 12.81 -23.71 -5.73
CA THR B 102 13.53 -23.66 -4.47
C THR B 102 13.19 -22.43 -3.65
N THR B 103 12.44 -21.48 -4.22
CA THR B 103 12.06 -20.22 -3.58
C THR B 103 13.31 -19.43 -3.18
N ASN B 104 14.06 -19.02 -4.20
CA ASN B 104 15.28 -18.24 -4.02
C ASN B 104 15.33 -17.09 -5.01
N LYS B 105 16.15 -16.10 -4.69
CA LYS B 105 16.45 -15.01 -5.60
C LYS B 105 17.76 -15.33 -6.30
N VAL B 106 17.76 -15.31 -7.63
CA VAL B 106 18.99 -15.61 -8.37
C VAL B 106 19.57 -14.32 -8.95
N HIS B 107 18.74 -13.32 -9.20
CA HIS B 107 19.25 -12.05 -9.71
C HIS B 107 18.53 -10.87 -9.07
N ALA B 108 19.26 -9.78 -8.88
CA ALA B 108 18.69 -8.53 -8.40
C ALA B 108 19.31 -7.38 -9.17
N ILE B 109 18.47 -6.57 -9.83
CA ILE B 109 18.93 -5.52 -10.73
C ILE B 109 18.31 -4.19 -10.32
N PRO B 110 19.10 -3.19 -9.94
CA PRO B 110 18.56 -1.85 -9.72
C PRO B 110 18.43 -1.08 -11.02
N LEU B 111 17.42 -0.19 -11.06
CA LEU B 111 17.13 0.60 -12.24
C LEU B 111 17.47 2.05 -11.99
N ARG B 112 17.40 2.85 -13.06
CA ARG B 112 17.56 4.29 -12.92
C ARG B 112 16.22 4.98 -12.71
N SER B 113 15.20 4.58 -13.47
CA SER B 113 13.85 5.10 -13.29
C SER B 113 13.14 4.28 -12.22
N SER B 114 12.61 4.94 -11.21
CA SER B 114 11.91 4.24 -10.15
C SER B 114 10.48 3.87 -10.53
N TRP B 115 9.97 4.35 -11.65
CA TRP B 115 8.60 4.10 -12.06
C TRP B 115 8.58 3.10 -13.22
N VAL B 116 8.54 1.83 -12.84
CA VAL B 116 8.58 0.72 -13.80
C VAL B 116 7.29 -0.09 -13.65
N MET B 117 6.64 -0.35 -14.79
CA MET B 117 5.37 -1.10 -14.78
C MET B 117 5.35 -2.17 -15.88
N THR B 118 6.53 -2.65 -16.28
CA THR B 118 6.64 -3.66 -17.32
C THR B 118 7.61 -4.75 -16.88
N CYS B 119 7.49 -5.91 -17.51
CA CYS B 119 8.47 -6.98 -17.38
C CYS B 119 8.42 -7.84 -18.64
N ALA B 120 9.53 -8.51 -18.90
CA ALA B 120 9.58 -9.51 -19.96
C ALA B 120 10.80 -10.38 -19.71
N TYR B 121 10.76 -11.59 -20.25
CA TYR B 121 11.87 -12.52 -20.11
C TYR B 121 12.09 -13.16 -21.47
N ALA B 122 13.34 -13.19 -21.92
CA ALA B 122 13.59 -13.65 -23.28
C ALA B 122 13.39 -15.16 -23.39
N PRO B 123 12.83 -15.64 -24.50
CA PRO B 123 12.75 -17.09 -24.72
C PRO B 123 14.13 -17.75 -24.74
N SER B 124 15.15 -17.06 -25.24
CA SER B 124 16.50 -17.59 -25.18
C SER B 124 17.00 -17.74 -23.74
N GLY B 125 16.44 -16.97 -22.81
CA GLY B 125 16.78 -17.11 -21.41
C GLY B 125 17.95 -16.30 -20.93
N ASN B 126 18.34 -15.25 -21.64
CA ASN B 126 19.46 -14.42 -21.22
C ASN B 126 19.23 -12.92 -21.41
N TYR B 127 18.01 -12.49 -21.75
CA TYR B 127 17.70 -11.08 -21.90
C TYR B 127 16.44 -10.74 -21.12
N VAL B 128 16.44 -9.55 -20.51
CA VAL B 128 15.29 -9.06 -19.75
C VAL B 128 15.06 -7.61 -20.12
N ALA B 129 13.79 -7.20 -20.18
CA ALA B 129 13.41 -5.83 -20.51
C ALA B 129 12.60 -5.22 -19.37
N CYS B 130 12.58 -3.89 -19.32
CA CYS B 130 11.77 -3.16 -18.35
C CYS B 130 11.44 -1.79 -18.91
N GLY B 131 10.27 -1.27 -18.52
CA GLY B 131 9.82 0.02 -19.02
C GLY B 131 8.79 0.63 -18.09
N GLY B 132 8.41 1.87 -18.43
CA GLY B 132 7.47 2.61 -17.61
C GLY B 132 7.31 4.07 -17.97
N LEU B 133 7.40 4.94 -16.96
CA LEU B 133 7.22 6.37 -17.18
C LEU B 133 8.41 7.00 -17.92
N ASP B 134 9.60 6.45 -17.73
CA ASP B 134 10.80 7.07 -18.28
C ASP B 134 10.84 7.09 -19.80
N ASN B 135 9.97 6.33 -20.47
CA ASN B 135 9.85 6.24 -21.92
C ASN B 135 11.05 5.60 -22.59
N ILE B 136 11.90 4.90 -21.84
CA ILE B 136 13.04 4.18 -22.39
C ILE B 136 12.96 2.74 -21.92
N CYS B 137 13.03 1.80 -22.86
CA CYS B 137 12.99 0.37 -22.56
C CYS B 137 14.42 -0.15 -22.52
N SER B 138 14.83 -0.70 -21.38
CA SER B 138 16.21 -1.13 -21.20
C SER B 138 16.33 -2.64 -21.44
N ILE B 139 17.30 -3.03 -22.25
CA ILE B 139 17.58 -4.42 -22.54
C ILE B 139 18.82 -4.81 -21.76
N TYR B 140 18.70 -5.85 -20.93
CA TYR B 140 19.75 -6.30 -20.02
C TYR B 140 20.30 -7.65 -20.48
N ASN B 141 21.61 -7.81 -20.38
CA ASN B 141 22.29 -9.05 -20.76
C ASN B 141 22.53 -9.86 -19.49
N LEU B 142 21.83 -10.99 -19.37
CA LEU B 142 21.91 -11.79 -18.14
C LEU B 142 23.23 -12.54 -18.04
N LYS B 143 23.67 -13.15 -19.14
CA LYS B 143 24.84 -14.04 -19.13
C LYS B 143 25.94 -13.38 -19.96
N THR B 144 26.82 -12.65 -19.28
CA THR B 144 27.96 -12.00 -19.91
C THR B 144 29.25 -12.66 -19.46
N ARG B 145 30.37 -12.16 -19.99
CA ARG B 145 31.67 -12.64 -19.54
C ARG B 145 31.88 -12.33 -18.06
N GLU B 146 31.53 -11.12 -17.65
CA GLU B 146 31.56 -10.76 -16.24
C GLU B 146 30.31 -11.30 -15.54
N GLY B 147 30.46 -11.64 -14.26
CA GLY B 147 29.37 -12.25 -13.53
C GLY B 147 28.16 -11.34 -13.39
N ASN B 148 28.41 -10.04 -13.25
CA ASN B 148 27.32 -9.10 -13.04
C ASN B 148 26.53 -8.87 -14.33
N VAL B 149 25.31 -8.36 -14.17
CA VAL B 149 24.39 -8.11 -15.28
C VAL B 149 24.35 -6.62 -15.55
N ARG B 150 24.49 -6.25 -16.81
CA ARG B 150 24.59 -4.85 -17.21
C ARG B 150 23.55 -4.53 -18.28
N VAL B 151 23.19 -3.26 -18.36
CA VAL B 151 22.23 -2.80 -19.36
C VAL B 151 22.87 -2.93 -20.73
N SER B 152 22.39 -3.88 -21.53
CA SER B 152 22.95 -4.05 -22.87
C SER B 152 22.64 -2.86 -23.75
N ARG B 153 21.37 -2.44 -23.81
CA ARG B 153 20.98 -1.35 -24.68
C ARG B 153 19.80 -0.59 -24.07
N GLU B 154 19.48 0.55 -24.69
CA GLU B 154 18.37 1.39 -24.27
C GLU B 154 17.52 1.78 -25.49
N LEU B 155 16.21 1.90 -25.26
CA LEU B 155 15.24 2.16 -26.32
C LEU B 155 14.55 3.49 -26.03
N ALA B 156 14.90 4.50 -26.82
CA ALA B 156 14.32 5.84 -26.76
C ALA B 156 13.13 5.91 -27.72
N GLY B 157 12.69 7.12 -28.06
CA GLY B 157 11.70 7.31 -29.11
C GLY B 157 10.27 7.50 -28.68
N HIS B 158 9.76 6.66 -27.79
CA HIS B 158 8.40 6.84 -27.30
C HIS B 158 8.29 8.12 -26.49
N THR B 159 7.13 8.78 -26.58
CA THR B 159 6.88 9.98 -25.78
C THR B 159 6.08 9.65 -24.53
N GLY B 160 5.00 8.90 -24.67
CA GLY B 160 4.22 8.50 -23.53
C GLY B 160 4.86 7.36 -22.76
N TYR B 161 4.25 7.06 -21.62
CA TYR B 161 4.78 6.02 -20.73
C TYR B 161 4.64 4.64 -21.35
N LEU B 162 5.63 3.79 -21.10
CA LEU B 162 5.59 2.39 -21.56
C LEU B 162 4.69 1.57 -20.65
N SER B 163 3.79 0.79 -21.27
CA SER B 163 2.87 -0.06 -20.54
C SER B 163 3.36 -1.50 -20.42
N CYS B 164 3.82 -2.09 -21.52
CA CYS B 164 4.34 -3.46 -21.49
C CYS B 164 5.25 -3.67 -22.69
N CYS B 165 6.10 -4.68 -22.59
CA CYS B 165 7.07 -5.01 -23.63
C CYS B 165 7.21 -6.52 -23.72
N ARG B 166 7.20 -7.04 -24.95
CA ARG B 166 7.32 -8.47 -25.21
C ARG B 166 8.43 -8.71 -26.22
N PHE B 167 9.10 -9.85 -26.08
CA PHE B 167 10.12 -10.28 -27.04
C PHE B 167 9.50 -11.13 -28.14
N LEU B 168 9.67 -10.71 -29.39
CA LEU B 168 9.34 -11.56 -30.52
C LEU B 168 10.38 -12.64 -30.73
N ASP B 169 11.66 -12.29 -30.53
CA ASP B 169 12.78 -13.18 -30.75
C ASP B 169 13.97 -12.60 -29.99
N ASP B 170 15.17 -13.13 -30.25
CA ASP B 170 16.35 -12.67 -29.54
C ASP B 170 16.84 -11.32 -30.00
N ASN B 171 16.38 -10.84 -31.17
CA ASN B 171 16.85 -9.57 -31.71
C ASN B 171 15.69 -8.66 -32.11
N GLN B 172 14.48 -8.95 -31.63
CA GLN B 172 13.33 -8.10 -31.89
C GLN B 172 12.58 -7.89 -30.58
N ILE B 173 11.79 -6.82 -30.53
CA ILE B 173 10.98 -6.55 -29.34
C ILE B 173 9.80 -5.70 -29.77
N VAL B 174 8.69 -5.81 -29.04
CA VAL B 174 7.48 -5.04 -29.29
C VAL B 174 7.21 -4.19 -28.06
N THR B 175 6.96 -2.89 -28.27
CA THR B 175 6.73 -1.96 -27.18
C THR B 175 5.38 -1.26 -27.37
N SER B 176 4.65 -1.14 -26.27
CA SER B 176 3.37 -0.44 -26.24
C SER B 176 3.50 0.74 -25.28
N SER B 177 3.11 1.93 -25.74
CA SER B 177 3.43 3.17 -25.04
C SER B 177 2.16 3.96 -24.75
N GLY B 178 2.32 5.03 -23.98
CA GLY B 178 1.25 5.95 -23.67
C GLY B 178 1.00 7.00 -24.71
N ASP B 179 1.59 6.86 -25.90
CA ASP B 179 1.44 7.80 -26.98
C ASP B 179 0.40 7.36 -28.00
N THR B 180 -0.46 6.41 -27.63
CA THR B 180 -1.50 5.88 -28.54
C THR B 180 -0.86 5.33 -29.81
N THR B 181 0.26 4.64 -29.66
CA THR B 181 1.03 4.13 -30.78
C THR B 181 2.00 3.09 -30.27
N CYS B 182 2.09 1.95 -30.97
CA CYS B 182 3.01 0.89 -30.56
C CYS B 182 4.09 0.72 -31.62
N ALA B 183 5.18 0.05 -31.25
CA ALA B 183 6.33 0.03 -32.15
C ALA B 183 7.11 -1.27 -32.04
N LEU B 184 7.50 -1.80 -33.20
CA LEU B 184 8.51 -2.85 -33.23
C LEU B 184 9.89 -2.23 -33.12
N TRP B 185 10.85 -3.00 -32.63
CA TRP B 185 12.21 -2.53 -32.47
C TRP B 185 13.18 -3.65 -32.77
N ASP B 186 14.16 -3.37 -33.61
CA ASP B 186 15.30 -4.25 -33.82
C ASP B 186 16.38 -3.87 -32.82
N ILE B 187 16.76 -4.82 -31.96
CA ILE B 187 17.68 -4.52 -30.86
C ILE B 187 19.02 -4.03 -31.39
N GLU B 188 19.52 -4.68 -32.44
CA GLU B 188 20.88 -4.39 -32.92
C GLU B 188 21.00 -2.96 -33.42
N THR B 189 20.10 -2.53 -34.30
CA THR B 189 20.18 -1.20 -34.88
C THR B 189 19.53 -0.12 -34.03
N GLY B 190 18.64 -0.50 -33.11
CA GLY B 190 18.02 0.46 -32.21
C GLY B 190 17.18 1.51 -32.91
N GLN B 191 16.33 1.09 -33.85
CA GLN B 191 15.47 2.00 -34.59
C GLN B 191 14.02 1.58 -34.43
N GLN B 192 13.13 2.59 -34.44
CA GLN B 192 11.69 2.38 -34.24
C GLN B 192 11.05 1.86 -35.53
N THR B 193 11.60 0.77 -36.03
CA THR B 193 11.11 0.15 -37.25
C THR B 193 9.72 -0.43 -37.03
N THR B 194 8.88 -0.32 -38.06
CA THR B 194 7.55 -0.93 -38.06
C THR B 194 6.72 -0.41 -36.88
N THR B 195 6.37 0.86 -37.01
CA THR B 195 5.57 1.56 -36.00
C THR B 195 4.08 1.46 -36.36
N PHE B 196 3.30 0.83 -35.50
CA PHE B 196 1.86 0.70 -35.68
C PHE B 196 1.19 1.91 -35.06
N THR B 197 0.52 2.70 -35.89
CA THR B 197 -0.21 3.88 -35.46
C THR B 197 -1.71 3.63 -35.58
N GLY B 198 -2.45 3.96 -34.52
CA GLY B 198 -3.88 3.76 -34.52
C GLY B 198 -4.45 4.18 -33.19
N HIS B 199 -5.73 3.83 -32.98
CA HIS B 199 -6.41 4.07 -31.71
C HIS B 199 -6.58 5.56 -31.42
N THR B 200 -7.41 5.89 -30.44
CA THR B 200 -7.54 7.26 -29.96
C THR B 200 -6.93 7.43 -28.57
N GLY B 201 -7.31 6.57 -27.62
CA GLY B 201 -6.75 6.62 -26.29
C GLY B 201 -5.50 5.77 -26.15
N ASP B 202 -4.82 5.93 -25.01
CA ASP B 202 -3.56 5.25 -24.79
C ASP B 202 -3.77 3.74 -24.68
N VAL B 203 -2.71 2.99 -24.99
CA VAL B 203 -2.72 1.54 -24.92
C VAL B 203 -1.98 1.08 -23.67
N MET B 204 -2.47 0.00 -23.07
CA MET B 204 -1.94 -0.45 -21.79
C MET B 204 -1.69 -1.95 -21.70
N SER B 205 -2.00 -2.73 -22.74
CA SER B 205 -1.85 -4.18 -22.69
C SER B 205 -1.45 -4.71 -24.06
N LEU B 206 -0.78 -5.86 -24.06
CA LEU B 206 -0.32 -6.50 -25.28
C LEU B 206 -0.25 -8.01 -25.06
N SER B 207 -0.28 -8.75 -26.17
CA SER B 207 -0.18 -10.21 -26.11
C SER B 207 0.23 -10.72 -27.48
N LEU B 208 1.31 -11.49 -27.53
CA LEU B 208 1.83 -12.02 -28.78
C LEU B 208 1.02 -13.25 -29.18
N ALA B 209 1.49 -13.97 -30.19
CA ALA B 209 0.84 -15.17 -30.66
C ALA B 209 1.84 -16.29 -30.81
N PRO B 210 1.42 -17.55 -30.62
CA PRO B 210 2.36 -18.67 -30.80
C PRO B 210 2.92 -18.76 -32.21
N ASP B 211 2.11 -18.41 -33.22
CA ASP B 211 2.61 -18.40 -34.60
C ASP B 211 3.57 -17.25 -34.84
N THR B 212 3.60 -16.26 -33.93
CA THR B 212 4.56 -15.16 -33.98
C THR B 212 4.42 -14.37 -35.29
N ARG B 213 3.16 -14.08 -35.66
CA ARG B 213 2.85 -13.25 -36.81
C ARG B 213 1.86 -12.14 -36.52
N LEU B 214 0.99 -12.29 -35.53
CA LEU B 214 -0.01 -11.28 -35.20
C LEU B 214 0.03 -11.01 -33.69
N PHE B 215 -0.47 -9.85 -33.30
CA PHE B 215 -0.71 -9.60 -31.89
C PHE B 215 -1.79 -8.55 -31.74
N VAL B 216 -2.48 -8.57 -30.61
CA VAL B 216 -3.57 -7.64 -30.34
C VAL B 216 -3.09 -6.63 -29.29
N SER B 217 -3.66 -5.43 -29.38
CA SER B 217 -3.41 -4.36 -28.43
C SER B 217 -4.73 -3.77 -27.99
N GLY B 218 -4.77 -3.34 -26.73
CA GLY B 218 -5.97 -2.75 -26.16
C GLY B 218 -5.71 -1.32 -25.73
N ALA B 219 -6.70 -0.45 -25.97
CA ALA B 219 -6.59 0.95 -25.62
C ALA B 219 -7.77 1.34 -24.74
N CYS B 220 -7.60 2.47 -24.02
CA CYS B 220 -8.61 2.90 -23.07
C CYS B 220 -9.92 3.30 -23.73
N ASP B 221 -9.93 3.51 -25.05
CA ASP B 221 -11.14 3.86 -25.77
C ASP B 221 -12.06 2.67 -26.03
N ALA B 222 -11.80 1.53 -25.37
CA ALA B 222 -12.64 0.34 -25.48
C ALA B 222 -12.69 -0.19 -26.92
N SER B 223 -11.51 -0.40 -27.50
CA SER B 223 -11.41 -0.94 -28.85
C SER B 223 -10.05 -1.59 -29.01
N ALA B 224 -10.05 -2.89 -29.29
CA ALA B 224 -8.82 -3.66 -29.42
C ALA B 224 -8.51 -3.89 -30.89
N LYS B 225 -7.23 -3.77 -31.23
CA LYS B 225 -6.76 -3.88 -32.61
C LYS B 225 -5.83 -5.07 -32.76
N LEU B 226 -6.12 -5.92 -33.74
CA LEU B 226 -5.24 -7.02 -34.13
C LEU B 226 -4.36 -6.54 -35.27
N TRP B 227 -3.05 -6.54 -35.03
CA TRP B 227 -2.04 -6.12 -35.99
C TRP B 227 -1.26 -7.31 -36.50
N ASP B 228 -0.96 -7.28 -37.80
CA ASP B 228 -0.05 -8.22 -38.44
C ASP B 228 1.32 -7.58 -38.57
N VAL B 229 2.33 -8.23 -38.01
CA VAL B 229 3.67 -7.64 -37.97
C VAL B 229 4.24 -7.51 -39.37
N ARG B 230 4.03 -8.51 -40.23
CA ARG B 230 4.70 -8.54 -41.53
C ARG B 230 4.28 -7.37 -42.41
N GLU B 231 2.97 -7.17 -42.59
CA GLU B 231 2.49 -6.07 -43.42
C GLU B 231 2.60 -4.72 -42.72
N GLY B 232 2.69 -4.71 -41.40
CA GLY B 232 2.93 -3.48 -40.66
C GLY B 232 1.79 -2.51 -40.63
N MET B 233 0.55 -3.00 -40.65
CA MET B 233 -0.63 -2.14 -40.60
C MET B 233 -1.75 -2.89 -39.91
N CYS B 234 -2.81 -2.16 -39.57
CA CYS B 234 -3.93 -2.72 -38.83
C CYS B 234 -4.64 -3.81 -39.63
N ARG B 235 -5.07 -4.86 -38.95
CA ARG B 235 -5.73 -5.99 -39.58
C ARG B 235 -7.18 -6.15 -39.13
N GLN B 236 -7.44 -6.17 -37.82
CA GLN B 236 -8.80 -6.41 -37.34
C GLN B 236 -9.11 -5.50 -36.16
N THR B 237 -10.40 -5.28 -35.92
CA THR B 237 -10.87 -4.39 -34.86
C THR B 237 -12.00 -5.06 -34.09
N PHE B 238 -12.01 -4.88 -32.76
CA PHE B 238 -13.04 -5.45 -31.92
C PHE B 238 -13.47 -4.45 -30.86
N THR B 239 -14.78 -4.32 -30.66
CA THR B 239 -15.36 -3.41 -29.68
C THR B 239 -16.39 -4.17 -28.84
N GLY B 240 -16.91 -3.50 -27.83
CA GLY B 240 -17.94 -4.10 -26.99
C GLY B 240 -17.86 -3.81 -25.51
N HIS B 241 -16.87 -3.02 -25.09
CA HIS B 241 -16.69 -2.69 -23.69
C HIS B 241 -17.08 -1.25 -23.41
N GLU B 242 -17.36 -0.98 -22.13
CA GLU B 242 -17.82 0.33 -21.68
C GLU B 242 -16.83 1.02 -20.75
N SER B 243 -15.56 0.63 -20.79
CA SER B 243 -14.53 1.25 -19.98
C SER B 243 -13.18 1.01 -20.65
N ASP B 244 -12.12 1.40 -19.98
CA ASP B 244 -10.78 1.20 -20.53
C ASP B 244 -10.37 -0.27 -20.46
N ILE B 245 -9.55 -0.68 -21.41
CA ILE B 245 -9.04 -2.05 -21.46
C ILE B 245 -7.86 -2.17 -20.51
N ASN B 246 -7.99 -3.01 -19.51
CA ASN B 246 -7.01 -3.12 -18.43
C ASN B 246 -6.09 -4.33 -18.56
N ALA B 247 -6.56 -5.42 -19.19
CA ALA B 247 -5.73 -6.60 -19.34
C ALA B 247 -6.16 -7.37 -20.59
N ILE B 248 -5.18 -8.05 -21.20
CA ILE B 248 -5.42 -8.83 -22.41
C ILE B 248 -4.64 -10.13 -22.29
N CYS B 249 -5.21 -11.21 -22.83
CA CYS B 249 -4.54 -12.50 -22.89
C CYS B 249 -5.00 -13.20 -24.15
N PHE B 250 -4.20 -14.17 -24.61
CA PHE B 250 -4.42 -14.75 -25.92
C PHE B 250 -4.52 -16.27 -25.80
N PHE B 251 -5.50 -16.86 -26.48
CA PHE B 251 -5.83 -18.27 -26.30
C PHE B 251 -4.68 -19.15 -26.73
N PRO B 252 -4.40 -20.25 -26.03
CA PRO B 252 -3.37 -21.19 -26.49
C PRO B 252 -3.63 -21.76 -27.87
N ASN B 253 -4.90 -21.92 -28.25
CA ASN B 253 -5.22 -22.42 -29.58
C ASN B 253 -4.87 -21.42 -30.66
N GLY B 254 -4.82 -20.13 -30.32
CA GLY B 254 -4.56 -19.09 -31.29
C GLY B 254 -5.79 -18.58 -32.01
N ASN B 255 -6.98 -19.03 -31.64
CA ASN B 255 -8.22 -18.60 -32.28
C ASN B 255 -8.93 -17.51 -31.49
N ALA B 256 -8.81 -17.49 -30.17
CA ALA B 256 -9.58 -16.58 -29.34
C ALA B 256 -8.63 -15.73 -28.50
N PHE B 257 -9.21 -14.79 -27.77
CA PHE B 257 -8.47 -14.02 -26.77
C PHE B 257 -9.46 -13.48 -25.73
N ALA B 258 -8.91 -13.13 -24.57
CA ALA B 258 -9.69 -12.69 -23.43
C ALA B 258 -9.30 -11.26 -23.06
N THR B 259 -10.29 -10.44 -22.76
CA THR B 259 -10.10 -9.03 -22.47
C THR B 259 -10.78 -8.67 -21.16
N GLY B 260 -10.09 -7.89 -20.33
CA GLY B 260 -10.61 -7.46 -19.05
C GLY B 260 -10.54 -5.96 -18.84
N SER B 261 -11.66 -5.36 -18.43
CA SER B 261 -11.80 -3.92 -18.30
C SER B 261 -12.10 -3.56 -16.83
N ASP B 262 -12.43 -2.29 -16.62
CA ASP B 262 -12.74 -1.77 -15.29
C ASP B 262 -14.23 -1.79 -14.98
N ASP B 263 -15.05 -2.35 -15.86
CA ASP B 263 -16.49 -2.43 -15.64
C ASP B 263 -16.93 -3.78 -15.09
N ALA B 264 -16.03 -4.49 -14.40
CA ALA B 264 -16.33 -5.79 -13.79
C ALA B 264 -16.84 -6.81 -14.80
N THR B 265 -16.36 -6.73 -16.04
CA THR B 265 -16.80 -7.63 -17.10
C THR B 265 -15.60 -8.14 -17.88
N CYS B 266 -15.45 -9.46 -17.91
CA CYS B 266 -14.48 -10.12 -18.78
C CYS B 266 -15.18 -10.54 -20.06
N ARG B 267 -14.45 -10.51 -21.18
CA ARG B 267 -15.02 -10.87 -22.45
C ARG B 267 -14.07 -11.77 -23.22
N LEU B 268 -14.64 -12.59 -24.09
CA LEU B 268 -13.87 -13.51 -24.93
C LEU B 268 -14.27 -13.30 -26.38
N PHE B 269 -13.28 -13.15 -27.26
CA PHE B 269 -13.51 -12.89 -28.66
C PHE B 269 -12.76 -13.92 -29.50
N ASP B 270 -13.21 -14.10 -30.73
CA ASP B 270 -12.59 -15.03 -31.66
C ASP B 270 -12.17 -14.30 -32.94
N LEU B 271 -10.97 -14.62 -33.42
CA LEU B 271 -10.40 -13.90 -34.55
C LEU B 271 -11.12 -14.23 -35.86
N ARG B 272 -11.34 -15.52 -36.13
CA ARG B 272 -11.92 -15.91 -37.41
C ARG B 272 -13.33 -15.38 -37.58
N ALA B 273 -14.15 -15.46 -36.52
CA ALA B 273 -15.54 -15.02 -36.64
C ALA B 273 -15.67 -13.51 -36.66
N ASP B 274 -14.71 -12.78 -36.08
CA ASP B 274 -14.74 -11.32 -35.99
C ASP B 274 -16.04 -10.86 -35.32
N GLN B 275 -16.41 -11.55 -34.25
CA GLN B 275 -17.66 -11.30 -33.55
C GLN B 275 -17.40 -11.22 -32.05
N GLU B 276 -18.10 -10.30 -31.38
CA GLU B 276 -18.10 -10.26 -29.93
C GLU B 276 -18.78 -11.52 -29.40
N LEU B 277 -17.99 -12.42 -28.83
CA LEU B 277 -18.51 -13.72 -28.42
C LEU B 277 -18.98 -13.61 -26.96
N MET B 278 -19.26 -14.74 -26.33
CA MET B 278 -19.90 -14.76 -25.02
C MET B 278 -19.04 -14.08 -23.96
N THR B 279 -19.71 -13.54 -22.94
CA THR B 279 -19.05 -12.77 -21.88
C THR B 279 -19.42 -13.28 -20.50
N TYR B 280 -18.90 -12.64 -19.46
CA TYR B 280 -19.11 -13.05 -18.08
C TYR B 280 -19.74 -11.91 -17.29
N SER B 281 -20.46 -12.25 -16.23
CA SER B 281 -21.02 -11.26 -15.31
C SER B 281 -21.53 -11.98 -14.07
N HIS B 282 -21.22 -11.43 -12.90
CA HIS B 282 -21.76 -11.91 -11.64
C HIS B 282 -22.23 -10.71 -10.82
N ASP B 283 -23.47 -10.73 -10.37
CA ASP B 283 -24.05 -9.58 -9.69
C ASP B 283 -23.67 -9.54 -8.21
N ASN B 284 -22.38 -9.67 -7.93
CA ASN B 284 -21.87 -9.47 -6.58
C ASN B 284 -20.53 -8.76 -6.56
N ILE B 285 -20.01 -8.35 -7.72
CA ILE B 285 -18.71 -7.71 -7.84
C ILE B 285 -18.89 -6.40 -8.59
N ILE B 286 -18.18 -5.36 -8.14
CA ILE B 286 -18.32 -4.04 -8.73
C ILE B 286 -16.95 -3.47 -9.07
N CYS B 287 -15.89 -4.12 -8.59
CA CYS B 287 -14.54 -3.66 -8.87
C CYS B 287 -14.15 -4.04 -10.30
N GLY B 288 -13.02 -3.49 -10.74
CA GLY B 288 -12.54 -3.70 -12.10
C GLY B 288 -11.47 -4.78 -12.15
N ILE B 289 -11.42 -5.47 -13.29
CA ILE B 289 -10.41 -6.50 -13.51
C ILE B 289 -9.07 -5.85 -13.79
N THR B 290 -7.98 -6.54 -13.42
CA THR B 290 -6.64 -6.03 -13.67
C THR B 290 -5.77 -6.99 -14.47
N SER B 291 -5.94 -8.31 -14.30
CA SER B 291 -5.15 -9.28 -15.04
C SER B 291 -6.02 -10.49 -15.34
N VAL B 292 -5.80 -11.08 -16.52
CA VAL B 292 -6.59 -12.20 -17.02
C VAL B 292 -5.64 -13.21 -17.66
N SER B 293 -5.84 -14.50 -17.36
CA SER B 293 -5.00 -15.52 -17.98
C SER B 293 -5.71 -16.87 -18.01
N PHE B 294 -5.37 -17.65 -19.04
CA PHE B 294 -5.97 -18.96 -19.30
C PHE B 294 -5.20 -20.05 -18.55
N SER B 295 -5.50 -21.31 -18.90
CA SER B 295 -4.77 -22.48 -18.47
C SER B 295 -4.20 -23.20 -19.69
N LYS B 296 -3.62 -24.37 -19.47
CA LYS B 296 -3.03 -25.12 -20.57
C LYS B 296 -4.09 -25.53 -21.59
N SER B 297 -5.16 -26.17 -21.12
CA SER B 297 -6.22 -26.65 -22.00
C SER B 297 -7.31 -25.61 -22.23
N GLY B 298 -7.26 -24.49 -21.52
CA GLY B 298 -8.26 -23.46 -21.70
C GLY B 298 -9.60 -23.76 -21.09
N ARG B 299 -9.68 -24.69 -20.15
CA ARG B 299 -10.96 -25.05 -19.56
C ARG B 299 -11.42 -23.99 -18.55
N LEU B 300 -10.49 -23.41 -17.80
CA LEU B 300 -10.83 -22.45 -16.77
C LEU B 300 -9.92 -21.23 -16.87
N LEU B 301 -10.46 -20.08 -16.48
CA LEU B 301 -9.83 -18.78 -16.68
C LEU B 301 -9.70 -18.05 -15.35
N LEU B 302 -8.49 -17.60 -15.04
CA LEU B 302 -8.22 -16.92 -13.78
C LEU B 302 -8.14 -15.42 -14.02
N ALA B 303 -8.96 -14.66 -13.30
CA ALA B 303 -9.00 -13.22 -13.39
C ALA B 303 -8.82 -12.61 -12.01
N GLY B 304 -7.99 -11.57 -11.93
CA GLY B 304 -7.76 -10.87 -10.68
C GLY B 304 -8.60 -9.61 -10.61
N TYR B 305 -9.20 -9.37 -9.45
CA TYR B 305 -10.03 -8.20 -9.22
C TYR B 305 -9.39 -7.30 -8.17
N ASP B 306 -10.06 -6.19 -7.89
CA ASP B 306 -9.69 -5.31 -6.80
C ASP B 306 -10.24 -5.78 -5.45
N ASP B 307 -11.05 -6.84 -5.44
CA ASP B 307 -11.60 -7.41 -4.23
C ASP B 307 -10.61 -8.27 -3.47
N PHE B 308 -9.32 -8.16 -3.80
CA PHE B 308 -8.24 -8.80 -3.04
C PHE B 308 -8.22 -10.31 -3.24
N ASN B 309 -8.67 -10.80 -4.40
CA ASN B 309 -8.71 -12.23 -4.64
C ASN B 309 -8.73 -12.49 -6.15
N CYS B 310 -8.41 -13.73 -6.51
CA CYS B 310 -8.53 -14.21 -7.88
C CYS B 310 -9.79 -15.04 -8.01
N ASN B 311 -10.70 -14.60 -8.85
CA ASN B 311 -12.02 -15.20 -8.96
C ASN B 311 -12.10 -15.96 -10.27
N VAL B 312 -11.87 -17.26 -10.20
CA VAL B 312 -11.70 -18.11 -11.39
C VAL B 312 -13.05 -18.51 -11.95
N TRP B 313 -13.18 -18.43 -13.27
CA TRP B 313 -14.39 -18.78 -13.99
C TRP B 313 -14.15 -20.03 -14.84
N ASP B 314 -15.26 -20.66 -15.23
CA ASP B 314 -15.21 -21.74 -16.20
C ASP B 314 -15.35 -21.13 -17.59
N ALA B 315 -14.45 -21.52 -18.50
CA ALA B 315 -14.34 -20.86 -19.80
C ALA B 315 -15.59 -21.04 -20.66
N LEU B 316 -16.37 -22.10 -20.44
CA LEU B 316 -17.53 -22.38 -21.28
C LEU B 316 -18.85 -22.16 -20.57
N LYS B 317 -18.97 -22.54 -19.31
CA LYS B 317 -20.22 -22.38 -18.57
C LYS B 317 -20.43 -20.98 -18.02
N ALA B 318 -19.38 -20.15 -18.01
CA ALA B 318 -19.44 -18.80 -17.44
C ALA B 318 -19.92 -18.83 -16.00
N ASP B 319 -19.52 -19.86 -15.26
CA ASP B 319 -19.95 -20.07 -13.90
C ASP B 319 -18.79 -19.87 -12.94
N ARG B 320 -19.08 -19.30 -11.78
CA ARG B 320 -18.07 -19.09 -10.74
C ARG B 320 -17.73 -20.44 -10.14
N ALA B 321 -16.64 -21.04 -10.62
CA ALA B 321 -16.19 -22.35 -10.15
C ALA B 321 -14.85 -22.17 -9.46
N GLY B 322 -14.91 -21.84 -8.18
CA GLY B 322 -13.72 -21.62 -7.39
C GLY B 322 -13.49 -20.16 -7.08
N VAL B 323 -12.97 -19.89 -5.89
CA VAL B 323 -12.59 -18.55 -5.46
C VAL B 323 -11.24 -18.69 -4.76
N LEU B 324 -10.35 -17.74 -4.98
CA LEU B 324 -8.97 -17.84 -4.50
C LEU B 324 -8.65 -16.57 -3.71
N ALA B 325 -8.78 -16.64 -2.38
CA ALA B 325 -8.45 -15.50 -1.53
C ALA B 325 -7.15 -15.75 -0.79
N GLY B 326 -6.60 -14.70 -0.19
CA GLY B 326 -5.30 -14.80 0.45
C GLY B 326 -4.43 -13.57 0.27
N HIS B 327 -4.83 -12.67 -0.62
CA HIS B 327 -4.19 -11.38 -0.77
C HIS B 327 -5.03 -10.30 -0.11
N ASP B 328 -4.37 -9.25 0.37
CA ASP B 328 -5.05 -8.16 1.07
C ASP B 328 -4.81 -6.80 0.41
N ASN B 329 -4.68 -6.79 -0.92
CA ASN B 329 -4.64 -5.55 -1.68
C ASN B 329 -4.88 -5.89 -3.14
N ARG B 330 -4.90 -4.85 -3.99
CA ARG B 330 -5.26 -5.03 -5.39
C ARG B 330 -4.33 -6.02 -6.08
N VAL B 331 -4.93 -6.97 -6.81
CA VAL B 331 -4.15 -7.89 -7.64
C VAL B 331 -3.82 -7.17 -8.95
N SER B 332 -2.53 -6.98 -9.20
CA SER B 332 -2.06 -6.21 -10.35
C SER B 332 -1.44 -7.06 -11.45
N CYS B 333 -1.10 -8.32 -11.18
CA CYS B 333 -0.55 -9.20 -12.20
C CYS B 333 -0.71 -10.65 -11.76
N LEU B 334 -1.02 -11.50 -12.73
CA LEU B 334 -1.08 -12.94 -12.49
C LEU B 334 -0.63 -13.65 -13.76
N GLY B 335 -0.10 -14.84 -13.60
CA GLY B 335 0.43 -15.59 -14.73
C GLY B 335 0.27 -17.07 -14.55
N VAL B 336 0.15 -17.77 -15.66
CA VAL B 336 0.06 -19.23 -15.68
C VAL B 336 1.18 -19.75 -16.57
N THR B 337 1.97 -20.68 -16.03
CA THR B 337 3.07 -21.24 -16.79
C THR B 337 2.56 -21.98 -18.02
N ASP B 338 3.47 -22.23 -18.96
CA ASP B 338 3.08 -22.72 -20.28
C ASP B 338 2.36 -24.06 -20.20
N ASP B 339 2.89 -24.99 -19.39
CA ASP B 339 2.33 -26.33 -19.27
C ASP B 339 1.12 -26.40 -18.35
N GLY B 340 0.57 -25.26 -17.94
CA GLY B 340 -0.59 -25.24 -17.06
C GLY B 340 -0.28 -25.83 -15.70
N MET B 341 1.00 -25.89 -15.37
CA MET B 341 1.48 -26.56 -14.18
C MET B 341 1.00 -25.86 -12.91
N ALA B 342 1.16 -24.53 -12.85
CA ALA B 342 0.82 -23.77 -11.66
C ALA B 342 0.40 -22.35 -12.06
N VAL B 343 0.01 -21.57 -11.05
CA VAL B 343 -0.40 -20.18 -11.22
C VAL B 343 0.41 -19.33 -10.24
N ALA B 344 0.82 -18.14 -10.67
CA ALA B 344 1.45 -17.16 -9.80
C ALA B 344 0.60 -15.91 -9.77
N THR B 345 0.52 -15.26 -8.60
CA THR B 345 -0.26 -14.05 -8.47
C THR B 345 0.52 -13.05 -7.60
N GLY B 346 0.65 -11.82 -8.08
CA GLY B 346 1.32 -10.77 -7.34
C GLY B 346 0.46 -9.53 -7.22
N SER B 347 0.30 -9.04 -6.00
CA SER B 347 -0.62 -7.94 -5.75
C SER B 347 0.12 -6.73 -5.19
N TRP B 348 -0.65 -5.71 -4.80
CA TRP B 348 -0.06 -4.49 -4.29
C TRP B 348 0.43 -4.62 -2.86
N ASP B 349 0.37 -5.80 -2.28
CA ASP B 349 0.98 -5.99 -0.98
C ASP B 349 2.43 -6.44 -1.07
N SER B 350 2.97 -6.54 -2.29
CA SER B 350 4.36 -6.94 -2.52
C SER B 350 4.60 -8.37 -2.10
N PHE B 351 3.73 -9.29 -2.53
CA PHE B 351 3.80 -10.69 -2.14
C PHE B 351 3.39 -11.56 -3.33
N LEU B 352 4.38 -12.09 -4.05
CA LEU B 352 4.11 -13.10 -5.06
C LEU B 352 3.80 -14.42 -4.40
N LYS B 353 2.74 -15.09 -4.85
CA LYS B 353 2.36 -16.36 -4.28
C LYS B 353 1.98 -17.33 -5.41
N ILE B 354 2.44 -18.56 -5.27
CA ILE B 354 2.14 -19.63 -6.23
C ILE B 354 0.95 -20.42 -5.68
N TRP B 355 -0.08 -20.57 -6.50
CA TRP B 355 -1.33 -21.19 -6.08
C TRP B 355 -1.57 -22.38 -7.00
N ASN B 356 -1.97 -23.51 -6.41
CA ASN B 356 -2.24 -24.73 -7.17
C ASN B 356 -3.32 -25.57 -6.49
N SER C 150 -18.07 -17.28 56.75
CA SER C 150 -19.09 -18.11 56.12
C SER C 150 -18.61 -18.65 54.79
N ASN C 151 -19.25 -19.73 54.33
CA ASN C 151 -18.90 -20.33 53.05
C ASN C 151 -19.44 -19.54 51.86
N ASP C 152 -20.47 -18.72 52.07
CA ASP C 152 -21.04 -17.94 50.97
C ASP C 152 -20.04 -16.93 50.43
N VAL C 153 -19.35 -16.22 51.33
CA VAL C 153 -18.35 -15.26 50.89
C VAL C 153 -17.17 -15.96 50.22
N ARG C 154 -16.80 -17.15 50.70
CA ARG C 154 -15.74 -17.91 50.06
C ARG C 154 -16.14 -18.32 48.64
N ALA C 155 -17.38 -18.78 48.46
CA ALA C 155 -17.85 -19.14 47.13
C ALA C 155 -17.90 -17.93 46.21
N SER C 156 -18.33 -16.78 46.74
CA SER C 156 -18.35 -15.56 45.94
C SER C 156 -16.94 -15.16 45.52
N LEU C 157 -15.98 -15.26 46.44
CA LEU C 157 -14.59 -14.97 46.10
C LEU C 157 -14.07 -15.91 45.03
N TYR C 158 -14.38 -17.20 45.15
CA TYR C 158 -13.96 -18.17 44.14
C TYR C 158 -14.53 -17.83 42.78
N SER C 159 -15.82 -17.50 42.73
CA SER C 159 -16.45 -17.15 41.46
C SER C 159 -15.84 -15.89 40.86
N LEU C 160 -15.60 -14.86 41.69
CA LEU C 160 -15.03 -13.62 41.18
C LEU C 160 -13.62 -13.84 40.64
N MET C 161 -12.80 -14.60 41.37
CA MET C 161 -11.44 -14.87 40.91
C MET C 161 -11.44 -15.71 39.63
N VAL C 162 -12.37 -16.67 39.52
CA VAL C 162 -12.49 -17.45 38.29
C VAL C 162 -12.84 -16.54 37.13
N LEU C 163 -13.81 -15.64 37.34
CA LEU C 163 -14.15 -14.68 36.29
C LEU C 163 -12.94 -13.86 35.86
N ILE C 164 -12.16 -13.38 36.84
CA ILE C 164 -11.02 -12.54 36.52
C ILE C 164 -9.97 -13.31 35.71
N ILE C 165 -9.66 -14.53 36.14
CA ILE C 165 -8.65 -15.32 35.46
C ILE C 165 -9.10 -15.68 34.05
N LEU C 166 -10.35 -16.09 33.88
CA LEU C 166 -10.86 -16.38 32.54
C LEU C 166 -10.82 -15.14 31.65
N THR C 167 -11.18 -13.98 32.20
CA THR C 167 -11.17 -12.76 31.41
C THR C 167 -9.76 -12.43 30.92
N THR C 168 -8.77 -12.47 31.83
CA THR C 168 -7.42 -12.14 31.41
C THR C 168 -6.89 -13.16 30.41
N LEU C 169 -7.16 -14.45 30.62
CA LEU C 169 -6.67 -15.47 29.70
C LEU C 169 -7.26 -15.26 28.30
N VAL C 170 -8.57 -15.08 28.21
CA VAL C 170 -9.19 -14.97 26.89
C VAL C 170 -8.75 -13.69 26.19
N GLY C 171 -8.67 -12.57 26.92
CA GLY C 171 -8.27 -11.32 26.29
C GLY C 171 -6.84 -11.37 25.77
N ASN C 172 -5.91 -11.85 26.61
CA ASN C 172 -4.53 -11.93 26.17
C ASN C 172 -4.37 -12.91 25.03
N LEU C 173 -5.08 -14.03 25.05
CA LEU C 173 -4.98 -15.00 23.97
C LEU C 173 -5.49 -14.40 22.66
N ILE C 174 -6.61 -13.69 22.70
CA ILE C 174 -7.15 -13.07 21.50
C ILE C 174 -6.15 -12.08 20.92
N VAL C 175 -5.57 -11.25 21.79
CA VAL C 175 -4.61 -10.26 21.30
C VAL C 175 -3.39 -10.96 20.69
N ILE C 176 -2.89 -12.01 21.35
CA ILE C 176 -1.69 -12.69 20.87
C ILE C 176 -1.95 -13.31 19.50
N VAL C 177 -3.08 -14.01 19.35
CA VAL C 177 -3.35 -14.69 18.08
C VAL C 177 -3.63 -13.68 16.97
N SER C 178 -4.29 -12.57 17.28
CA SER C 178 -4.58 -11.59 16.23
C SER C 178 -3.32 -10.88 15.77
N ILE C 179 -2.47 -10.44 16.70
CA ILE C 179 -1.23 -9.77 16.31
C ILE C 179 -0.21 -10.76 15.76
N SER C 180 -0.41 -12.06 16.01
CA SER C 180 0.63 -13.05 15.67
C SER C 180 0.70 -13.30 14.17
N HIS C 181 -0.45 -13.35 13.49
CA HIS C 181 -0.48 -13.66 12.05
C HIS C 181 -1.38 -12.67 11.33
N PHE C 182 -0.80 -11.54 10.93
CA PHE C 182 -1.40 -10.59 10.01
C PHE C 182 -0.28 -9.80 9.34
N LYS C 183 -0.21 -9.87 8.02
CA LYS C 183 0.85 -9.15 7.31
C LYS C 183 0.61 -7.64 7.32
N GLN C 184 -0.65 -7.22 7.36
CA GLN C 184 -0.94 -5.79 7.35
C GLN C 184 -0.56 -5.11 8.66
N LEU C 185 -0.30 -5.88 9.73
CA LEU C 185 0.11 -5.32 11.02
C LEU C 185 1.30 -6.11 11.57
N HIS C 186 2.50 -5.66 11.20
CA HIS C 186 3.74 -6.16 11.76
C HIS C 186 4.64 -5.01 12.17
N THR C 187 4.04 -3.86 12.45
CA THR C 187 4.79 -2.68 12.86
C THR C 187 5.49 -2.96 14.19
N PRO C 188 6.71 -2.46 14.39
CA PRO C 188 7.43 -2.75 15.64
C PRO C 188 6.67 -2.42 16.92
N THR C 189 5.89 -1.32 16.92
CA THR C 189 5.06 -1.05 18.09
C THR C 189 4.03 -2.16 18.31
N ASN C 190 3.58 -2.81 17.22
CA ASN C 190 2.68 -3.94 17.40
C ASN C 190 3.43 -5.14 17.97
N TRP C 191 4.73 -5.26 17.71
CA TRP C 191 5.53 -6.27 18.41
C TRP C 191 5.60 -5.96 19.89
N LEU C 192 5.70 -4.68 20.26
CA LEU C 192 5.67 -4.32 21.68
C LEU C 192 4.34 -4.68 22.32
N ILE C 193 3.24 -4.43 21.61
CA ILE C 193 1.92 -4.83 22.13
C ILE C 193 1.84 -6.35 22.28
N HIS C 194 2.41 -7.08 21.33
CA HIS C 194 2.41 -8.54 21.39
C HIS C 194 3.20 -9.03 22.61
N SER C 195 4.34 -8.39 22.90
CA SER C 195 5.11 -8.77 24.08
C SER C 195 4.32 -8.47 25.37
N MET C 196 3.64 -7.31 25.42
CA MET C 196 2.73 -7.05 26.53
C MET C 196 1.74 -8.20 26.72
N ALA C 197 1.07 -8.58 25.63
CA ALA C 197 0.04 -9.61 25.72
C ALA C 197 0.63 -10.94 26.18
N THR C 198 1.82 -11.29 25.69
CA THR C 198 2.45 -12.54 26.08
C THR C 198 2.80 -12.57 27.55
N VAL C 199 3.41 -11.49 28.07
CA VAL C 199 3.79 -11.49 29.48
C VAL C 199 2.55 -11.48 30.36
N ASP C 200 1.49 -10.78 29.94
CA ASP C 200 0.25 -10.83 30.70
C ASP C 200 -0.36 -12.23 30.68
N PHE C 201 -0.26 -12.93 29.55
CA PHE C 201 -0.80 -14.29 29.47
C PHE C 201 -0.06 -15.24 30.40
N LEU C 202 1.28 -15.16 30.43
CA LEU C 202 2.04 -15.99 31.36
C LEU C 202 1.67 -15.68 32.81
N LEU C 203 1.54 -14.39 33.14
CA LEU C 203 1.12 -14.02 34.49
C LEU C 203 -0.25 -14.62 34.81
N GLY C 204 -1.18 -14.56 33.86
CA GLY C 204 -2.52 -15.07 34.09
C GLY C 204 -2.58 -16.57 34.20
N CYS C 205 -1.66 -17.28 33.55
CA CYS C 205 -1.72 -18.73 33.53
C CYS C 205 -1.00 -19.34 34.74
N LEU C 206 0.25 -18.95 34.98
CA LEU C 206 1.07 -19.71 35.92
C LEU C 206 1.34 -18.99 37.25
N VAL C 207 0.68 -17.85 37.52
CA VAL C 207 0.86 -17.18 38.80
C VAL C 207 -0.48 -16.98 39.51
N MET C 208 -1.48 -16.53 38.76
CA MET C 208 -2.79 -16.24 39.36
C MET C 208 -3.41 -17.42 40.10
N PRO C 209 -3.53 -18.62 39.52
CA PRO C 209 -4.33 -19.65 40.19
C PRO C 209 -3.77 -20.13 41.52
N TYR C 210 -2.45 -20.06 41.72
CA TYR C 210 -1.88 -20.55 42.98
C TYR C 210 -2.09 -19.56 44.12
N SER C 211 -2.12 -18.26 43.84
CA SER C 211 -2.52 -17.29 44.84
C SER C 211 -4.03 -17.12 44.92
N MET C 212 -4.77 -17.76 44.01
CA MET C 212 -6.23 -17.71 44.06
C MET C 212 -6.76 -18.37 45.32
N VAL C 213 -6.20 -19.53 45.68
CA VAL C 213 -6.69 -20.26 46.84
C VAL C 213 -5.98 -19.85 48.13
N ARG C 214 -4.74 -19.35 48.04
CA ARG C 214 -4.01 -18.97 49.24
C ARG C 214 -4.75 -17.88 50.00
N SER C 215 -5.26 -16.88 49.30
CA SER C 215 -6.08 -15.86 49.94
C SER C 215 -7.49 -16.33 50.21
N ALA C 216 -7.95 -17.37 49.53
CA ALA C 216 -9.33 -17.85 49.72
C ALA C 216 -9.50 -18.52 51.07
N GLU C 217 -8.57 -19.42 51.43
CA GLU C 217 -8.65 -20.16 52.68
C GLU C 217 -7.78 -19.59 53.78
N HIS C 218 -7.07 -18.48 53.52
CA HIS C 218 -6.15 -17.86 54.46
C HIS C 218 -5.03 -18.80 54.90
N CYS C 219 -4.69 -19.78 54.07
CA CYS C 219 -3.69 -20.77 54.44
C CYS C 219 -2.97 -21.25 53.18
N TRP C 220 -1.80 -21.85 53.40
CA TRP C 220 -0.96 -22.39 52.34
C TRP C 220 -1.01 -23.92 52.35
N TYR C 221 -1.21 -24.49 51.17
CA TYR C 221 -1.23 -25.94 51.00
C TYR C 221 0.18 -26.55 51.03
N PHE C 222 1.04 -26.13 50.12
CA PHE C 222 2.34 -26.75 49.91
C PHE C 222 3.42 -25.69 50.03
N GLY C 223 4.38 -25.92 50.93
CA GLY C 223 5.44 -24.96 51.14
C GLY C 223 6.72 -25.34 50.40
N GLU C 224 7.73 -25.76 51.16
CA GLU C 224 9.04 -26.14 50.62
C GLU C 224 9.66 -24.98 49.86
N VAL C 225 9.78 -25.11 48.54
CA VAL C 225 10.48 -24.14 47.72
C VAL C 225 9.62 -23.58 46.59
N PHE C 226 8.40 -24.08 46.42
CA PHE C 226 7.59 -23.60 45.30
C PHE C 226 7.19 -22.14 45.48
N CYS C 227 6.79 -21.76 46.70
CA CYS C 227 6.40 -20.37 46.92
C CYS C 227 7.56 -19.42 46.69
N LYS C 228 8.79 -19.90 46.79
CA LYS C 228 9.95 -19.07 46.47
C LYS C 228 9.92 -18.65 45.01
N ILE C 229 9.76 -19.62 44.11
CA ILE C 229 9.68 -19.31 42.68
C ILE C 229 8.39 -18.56 42.38
N HIS C 230 7.33 -18.78 43.16
CA HIS C 230 6.10 -18.04 42.97
C HIS C 230 6.30 -16.55 43.22
N THR C 231 6.87 -16.20 44.38
CA THR C 231 7.11 -14.80 44.69
C THR C 231 8.23 -14.20 43.87
N SER C 232 9.08 -15.03 43.25
CA SER C 232 10.07 -14.49 42.33
C SER C 232 9.55 -14.35 40.90
N THR C 233 8.46 -15.04 40.56
CA THR C 233 7.87 -14.93 39.24
C THR C 233 6.86 -13.79 39.16
N ASP C 234 6.09 -13.59 40.22
CA ASP C 234 5.13 -12.49 40.23
C ASP C 234 5.83 -11.15 40.04
N ILE C 235 6.94 -10.95 40.75
CA ILE C 235 7.72 -9.72 40.62
C ILE C 235 8.18 -9.52 39.19
N MET C 236 8.77 -10.57 38.60
CA MET C 236 9.30 -10.48 37.25
C MET C 236 8.21 -10.09 36.26
N LEU C 237 7.04 -10.72 36.37
CA LEU C 237 6.01 -10.49 35.36
C LEU C 237 5.37 -9.10 35.51
N SER C 238 5.08 -8.67 36.74
CA SER C 238 4.53 -7.33 36.92
C SER C 238 5.52 -6.26 36.47
N SER C 239 6.80 -6.43 36.82
CA SER C 239 7.82 -5.48 36.40
C SER C 239 7.96 -5.42 34.89
N ALA C 240 7.92 -6.59 34.22
CA ALA C 240 7.98 -6.60 32.77
C ALA C 240 6.81 -5.84 32.17
N SER C 241 5.60 -6.01 32.73
CA SER C 241 4.46 -5.27 32.24
C SER C 241 4.65 -3.76 32.39
N ILE C 242 5.14 -3.31 33.55
CA ILE C 242 5.35 -1.88 33.76
C ILE C 242 6.36 -1.33 32.76
N PHE C 243 7.48 -2.04 32.59
CA PHE C 243 8.51 -1.57 31.68
C PHE C 243 7.99 -1.50 30.25
N HIS C 244 7.16 -2.46 29.86
CA HIS C 244 6.58 -2.43 28.52
C HIS C 244 5.67 -1.22 28.34
N LEU C 245 4.90 -0.88 29.37
CA LEU C 245 4.06 0.33 29.28
C LEU C 245 4.90 1.59 29.10
N SER C 246 5.99 1.70 29.87
CA SER C 246 6.84 2.88 29.75
C SER C 246 7.45 2.97 28.35
N PHE C 247 7.89 1.83 27.80
CA PHE C 247 8.48 1.84 26.46
C PHE C 247 7.46 2.22 25.40
N ILE C 248 6.20 1.77 25.56
CA ILE C 248 5.16 2.19 24.63
C ILE C 248 4.97 3.70 24.68
N SER C 249 4.99 4.28 25.88
CA SER C 249 4.85 5.73 25.99
C SER C 249 5.98 6.45 25.26
N ILE C 250 7.21 5.98 25.43
CA ILE C 250 8.34 6.62 24.74
C ILE C 250 8.19 6.51 23.23
N ASP C 251 7.75 5.35 22.74
CA ASP C 251 7.56 5.18 21.30
C ASP C 251 6.51 6.14 20.76
N ARG C 252 5.39 6.30 21.48
CA ARG C 252 4.37 7.25 21.01
C ARG C 252 4.88 8.68 21.04
N TYR C 253 5.71 9.02 22.04
CA TYR C 253 6.30 10.35 22.08
C TYR C 253 7.13 10.62 20.85
N TYR C 254 8.00 9.68 20.48
CA TYR C 254 8.73 9.85 19.23
C TYR C 254 7.81 9.81 18.01
N ALA C 255 6.64 9.19 18.12
CA ALA C 255 5.72 9.14 16.99
C ALA C 255 5.10 10.50 16.71
N VAL C 256 4.82 11.29 17.74
CA VAL C 256 4.10 12.57 17.57
C VAL C 256 5.04 13.77 17.59
N CYS C 257 5.93 13.86 18.58
CA CYS C 257 6.73 15.08 18.71
C CYS C 257 7.74 15.24 17.59
N ASP C 258 8.25 14.13 17.03
CA ASP C 258 9.22 14.15 15.94
C ASP C 258 8.65 13.33 14.80
N PRO C 259 7.78 13.92 13.97
CA PRO C 259 6.98 13.09 13.06
C PRO C 259 7.73 12.60 11.83
N LEU C 260 8.73 13.32 11.34
CA LEU C 260 9.34 12.97 10.06
C LEU C 260 10.69 12.29 10.21
N ARG C 261 11.11 11.96 11.43
CA ARG C 261 12.25 11.09 11.65
C ARG C 261 11.82 9.88 12.49
N TYR C 262 10.56 9.48 12.34
CA TYR C 262 10.03 8.37 13.13
C TYR C 262 10.63 7.05 12.72
N LYS C 263 10.64 6.76 11.42
CA LYS C 263 11.02 5.44 10.93
C LYS C 263 12.52 5.27 10.71
N ALA C 264 13.29 6.35 10.84
CA ALA C 264 14.74 6.25 10.81
C ALA C 264 15.33 6.06 12.19
N LYS C 265 14.49 6.04 13.23
CA LYS C 265 14.91 5.82 14.61
C LYS C 265 14.18 4.68 15.28
N MET C 266 12.88 4.54 15.03
CA MET C 266 12.10 3.43 15.58
C MET C 266 11.96 2.32 14.54
N ASN C 267 13.09 1.67 14.27
CA ASN C 267 13.14 0.51 13.40
C ASN C 267 13.09 -0.76 14.25
N ILE C 268 13.19 -1.92 13.61
CA ILE C 268 13.05 -3.19 14.34
C ILE C 268 14.26 -3.49 15.23
N LEU C 269 15.40 -2.86 14.97
CA LEU C 269 16.58 -3.12 15.79
C LEU C 269 16.41 -2.57 17.20
N VAL C 270 15.98 -1.30 17.32
CA VAL C 270 15.85 -0.69 18.64
C VAL C 270 14.69 -1.29 19.42
N ILE C 271 13.61 -1.66 18.74
CA ILE C 271 12.47 -2.27 19.43
C ILE C 271 12.87 -3.63 20.00
N CYS C 272 13.71 -4.37 19.29
CA CYS C 272 14.22 -5.63 19.83
C CYS C 272 15.06 -5.37 21.09
N VAL C 273 15.83 -4.29 21.09
CA VAL C 273 16.58 -3.93 22.29
C VAL C 273 15.64 -3.58 23.44
N MET C 274 14.54 -2.89 23.13
CA MET C 274 13.55 -2.58 24.17
C MET C 274 12.97 -3.84 24.76
N ILE C 275 12.57 -4.80 23.91
CA ILE C 275 12.00 -6.04 24.41
C ILE C 275 13.03 -6.80 25.24
N PHE C 276 14.28 -6.85 24.76
CA PHE C 276 15.33 -7.56 25.48
C PHE C 276 15.57 -6.95 26.86
N ILE C 277 15.66 -5.63 26.94
CA ILE C 277 15.89 -4.97 28.22
C ILE C 277 14.72 -5.23 29.16
N SER C 278 13.49 -5.05 28.66
CA SER C 278 12.31 -5.20 29.52
C SER C 278 12.11 -6.64 29.96
N TRP C 279 12.62 -7.61 29.20
CA TRP C 279 12.54 -9.01 29.63
C TRP C 279 13.68 -9.44 30.53
N SER C 280 14.86 -8.82 30.38
CA SER C 280 16.04 -9.28 31.09
C SER C 280 16.25 -8.56 32.41
N VAL C 281 16.15 -7.23 32.42
CA VAL C 281 16.45 -6.47 33.65
C VAL C 281 15.52 -6.86 34.80
N PRO C 282 14.20 -6.95 34.63
CA PRO C 282 13.36 -7.40 35.75
C PRO C 282 13.68 -8.81 36.23
N ALA C 283 13.94 -9.73 35.32
CA ALA C 283 14.15 -11.13 35.69
C ALA C 283 15.39 -11.31 36.55
N VAL C 284 16.48 -10.64 36.18
CA VAL C 284 17.72 -10.80 36.92
C VAL C 284 17.54 -10.39 38.38
N PHE C 285 16.98 -9.21 38.61
CA PHE C 285 16.78 -8.75 39.98
C PHE C 285 15.74 -9.60 40.70
N ALA C 286 14.66 -9.98 40.01
CA ALA C 286 13.60 -10.74 40.66
C ALA C 286 14.13 -12.06 41.18
N PHE C 287 14.94 -12.76 40.38
CA PHE C 287 15.49 -14.02 40.85
C PHE C 287 16.60 -13.81 41.87
N GLY C 288 17.46 -12.82 41.65
CA GLY C 288 18.58 -12.62 42.56
C GLY C 288 18.14 -12.23 43.96
N MET C 289 17.28 -11.22 44.07
CA MET C 289 16.87 -10.74 45.39
C MET C 289 16.13 -11.83 46.16
N ILE C 290 15.23 -12.55 45.50
CA ILE C 290 14.43 -13.55 46.18
C ILE C 290 15.29 -14.74 46.58
N PHE C 291 16.11 -15.26 45.66
CA PHE C 291 16.93 -16.42 45.98
C PHE C 291 18.06 -16.07 46.94
N LEU C 292 18.79 -14.98 46.68
CA LEU C 292 19.94 -14.64 47.49
C LEU C 292 19.56 -14.05 48.85
N GLU C 293 18.28 -14.10 49.22
CA GLU C 293 17.81 -13.63 50.52
C GLU C 293 18.14 -12.13 50.70
N LEU C 294 17.73 -11.35 49.71
CA LEU C 294 18.03 -9.93 49.67
C LEU C 294 16.83 -9.04 49.92
N ASN C 295 15.63 -9.63 50.10
CA ASN C 295 14.43 -8.82 50.22
C ASN C 295 14.37 -8.08 51.55
N PHE C 296 14.66 -8.76 52.66
CA PHE C 296 14.60 -8.09 53.96
C PHE C 296 15.96 -7.66 54.48
N LYS C 297 17.01 -8.48 54.29
CA LYS C 297 18.36 -8.14 54.72
C LYS C 297 18.40 -7.80 56.22
N GLY C 298 17.57 -8.50 56.99
CA GLY C 298 17.44 -8.25 58.41
C GLY C 298 15.98 -8.26 58.80
N ALA C 299 15.72 -7.82 60.03
CA ALA C 299 14.38 -7.83 60.61
C ALA C 299 13.77 -9.23 60.52
N GLU C 300 14.55 -10.23 60.97
CA GLU C 300 14.13 -11.61 60.84
C GLU C 300 12.85 -11.89 61.63
N GLU C 301 12.75 -11.34 62.84
CA GLU C 301 11.54 -11.55 63.64
C GLU C 301 10.32 -10.94 62.94
N ILE C 302 10.48 -9.74 62.37
CA ILE C 302 9.40 -9.11 61.64
C ILE C 302 9.00 -9.97 60.44
N TYR C 303 9.99 -10.44 59.68
CA TYR C 303 9.71 -11.30 58.53
C TYR C 303 8.93 -12.54 58.95
N TYR C 304 9.40 -13.23 59.99
CA TYR C 304 8.79 -14.49 60.38
C TYR C 304 7.38 -14.29 60.92
N LYS C 305 7.16 -13.24 61.71
CA LYS C 305 5.82 -13.06 62.27
C LYS C 305 4.84 -12.52 61.24
N HIS C 306 5.33 -11.71 60.29
CA HIS C 306 4.45 -11.18 59.26
C HIS C 306 4.07 -12.24 58.23
N VAL C 307 5.04 -13.06 57.81
CA VAL C 307 4.76 -14.11 56.84
C VAL C 307 3.81 -15.14 57.42
N HIS C 308 4.03 -15.54 58.67
CA HIS C 308 3.16 -16.54 59.29
C HIS C 308 1.73 -16.04 59.39
N CYS C 309 1.55 -14.75 59.65
CA CYS C 309 0.20 -14.20 59.79
C CYS C 309 -0.56 -14.24 58.48
N ARG C 310 0.10 -13.98 57.36
CA ARG C 310 -0.59 -13.82 56.09
C ARG C 310 -0.90 -15.15 55.41
N GLY C 311 -0.44 -16.27 55.94
CA GLY C 311 -0.83 -17.56 55.39
C GLY C 311 0.27 -18.55 55.15
N GLY C 312 1.51 -18.20 55.45
CA GLY C 312 2.61 -19.14 55.31
C GLY C 312 3.76 -18.66 54.44
N CYS C 313 3.45 -17.95 53.36
CA CYS C 313 4.48 -17.36 52.53
C CYS C 313 3.90 -16.13 51.84
N SER C 314 4.66 -15.04 51.83
CA SER C 314 4.15 -13.76 51.38
C SER C 314 5.31 -12.88 50.95
N VAL C 315 4.98 -11.79 50.26
CA VAL C 315 5.97 -10.81 49.83
C VAL C 315 6.25 -9.86 50.99
N PHE C 316 7.52 -9.71 51.35
CA PHE C 316 7.94 -8.86 52.44
C PHE C 316 8.96 -7.85 51.96
N PHE C 317 8.88 -6.64 52.50
CA PHE C 317 9.78 -5.56 52.10
C PHE C 317 10.31 -4.87 53.35
N SER C 318 11.61 -4.58 53.35
CA SER C 318 12.24 -3.85 54.44
C SER C 318 12.27 -2.36 54.10
N LYS C 319 12.95 -1.57 54.92
CA LYS C 319 12.96 -0.12 54.73
C LYS C 319 13.74 0.26 53.48
N ILE C 320 15.04 -0.07 53.45
CA ILE C 320 15.88 0.30 52.31
C ILE C 320 15.42 -0.43 51.06
N SER C 321 15.08 -1.72 51.18
CA SER C 321 14.62 -2.47 50.01
C SER C 321 13.32 -1.89 49.48
N GLY C 322 12.40 -1.54 50.37
CA GLY C 322 11.15 -0.93 49.92
C GLY C 322 11.35 0.41 49.25
N VAL C 323 12.24 1.23 49.81
CA VAL C 323 12.51 2.54 49.22
C VAL C 323 13.12 2.38 47.83
N LEU C 324 14.09 1.48 47.70
CA LEU C 324 14.70 1.24 46.38
C LEU C 324 13.67 0.70 45.39
N THR C 325 12.83 -0.23 45.84
CA THR C 325 11.80 -0.78 44.97
C THR C 325 10.87 0.31 44.46
N PHE C 326 10.35 1.13 45.38
CA PHE C 326 9.47 2.22 44.97
C PHE C 326 10.17 3.13 43.97
N MET C 327 11.37 3.61 44.32
CA MET C 327 12.04 4.60 43.49
C MET C 327 12.37 4.05 42.11
N THR C 328 12.79 2.78 42.04
CA THR C 328 13.23 2.21 40.77
C THR C 328 12.09 1.67 39.92
N SER C 329 10.94 1.33 40.50
CA SER C 329 9.89 0.71 39.73
C SER C 329 8.64 1.56 39.54
N PHE C 330 8.33 2.52 40.42
CA PHE C 330 7.13 3.32 40.28
C PHE C 330 7.42 4.81 40.34
N TYR C 331 8.63 5.23 40.01
CA TYR C 331 8.94 6.65 39.91
C TYR C 331 9.45 7.06 38.54
N ILE C 332 10.30 6.24 37.92
CA ILE C 332 10.75 6.53 36.56
C ILE C 332 9.65 6.20 35.56
N PRO C 333 9.03 5.00 35.58
CA PRO C 333 7.95 4.75 34.62
C PRO C 333 6.78 5.71 34.75
N GLY C 334 6.33 6.00 35.97
CA GLY C 334 5.20 6.90 36.13
C GLY C 334 5.50 8.31 35.67
N SER C 335 6.66 8.84 36.05
CA SER C 335 7.03 10.19 35.65
C SER C 335 7.24 10.30 34.14
N ILE C 336 7.88 9.30 33.55
CA ILE C 336 8.08 9.30 32.09
C ILE C 336 6.74 9.30 31.39
N MET C 337 5.82 8.43 31.82
CA MET C 337 4.50 8.38 31.21
C MET C 337 3.77 9.71 31.35
N LEU C 338 3.81 10.30 32.55
CA LEU C 338 3.10 11.55 32.79
C LEU C 338 3.63 12.68 31.91
N CYS C 339 4.97 12.87 31.90
CA CYS C 339 5.54 13.94 31.12
C CYS C 339 5.26 13.76 29.62
N VAL C 340 5.45 12.54 29.12
CA VAL C 340 5.24 12.29 27.69
C VAL C 340 3.79 12.58 27.31
N TYR C 341 2.84 12.08 28.09
CA TYR C 341 1.46 12.27 27.68
C TYR C 341 0.98 13.70 27.92
N TYR C 342 1.59 14.42 28.85
CA TYR C 342 1.27 15.84 29.01
C TYR C 342 1.72 16.63 27.78
N ARG C 343 2.94 16.38 27.32
CA ARG C 343 3.41 17.06 26.12
C ARG C 343 2.53 16.73 24.93
N ILE C 344 2.15 15.46 24.78
CA ILE C 344 1.29 15.07 23.67
C ILE C 344 -0.07 15.77 23.78
N TYR C 345 -0.57 15.93 25.01
CA TYR C 345 -1.84 16.63 25.20
C TYR C 345 -1.73 18.09 24.76
N LEU C 346 -0.64 18.76 25.13
CA LEU C 346 -0.47 20.16 24.72
C LEU C 346 -0.40 20.29 23.20
N ILE C 347 0.35 19.40 22.55
CA ILE C 347 0.48 19.45 21.10
C ILE C 347 -0.87 19.21 20.42
N ALA C 348 -1.60 18.21 20.89
CA ALA C 348 -2.91 17.92 20.29
C ALA C 348 -3.88 19.06 20.52
N LYS C 349 -3.80 19.71 21.70
CA LYS C 349 -4.66 20.86 21.97
C LYS C 349 -4.40 21.99 21.00
N GLU C 350 -3.13 22.34 20.79
CA GLU C 350 -2.81 23.44 19.87
C GLU C 350 -3.22 23.09 18.44
N GLN C 351 -3.01 21.85 18.02
CA GLN C 351 -3.37 21.48 16.65
C GLN C 351 -4.88 21.49 16.45
N ALA C 352 -5.63 21.00 17.43
CA ALA C 352 -7.08 21.05 17.34
C ALA C 352 -7.58 22.49 17.30
N ARG C 353 -6.97 23.37 18.09
CA ARG C 353 -7.35 24.78 18.04
C ARG C 353 -7.08 25.38 16.67
N LEU C 354 -5.92 25.06 16.07
CA LEU C 354 -5.60 25.57 14.74
C LEU C 354 -6.61 25.10 13.71
N ILE C 355 -6.94 23.80 13.71
CA ILE C 355 -7.92 23.31 12.76
C ILE C 355 -9.28 23.96 12.98
N SER C 356 -9.69 24.09 14.24
CA SER C 356 -11.01 24.61 14.54
C SER C 356 -11.15 26.06 14.10
N ASP C 357 -10.14 26.89 14.37
CA ASP C 357 -10.25 28.28 13.98
C ASP C 357 -9.81 28.52 12.53
N ALA C 358 -9.34 27.48 11.83
CA ALA C 358 -9.12 27.60 10.39
C ALA C 358 -10.36 27.23 9.59
N ASN C 359 -11.07 26.16 9.99
CA ASN C 359 -12.22 25.69 9.24
C ASN C 359 -13.55 26.14 9.84
N GLN C 360 -13.55 27.08 10.77
CA GLN C 360 -14.80 27.59 11.33
C GLN C 360 -15.46 28.61 10.40
N GLU C 377 -9.00 17.96 21.19
CA GLU C 377 -9.34 18.49 22.50
C GLU C 377 -10.07 17.46 23.35
N ARG C 378 -11.34 17.22 23.01
CA ARG C 378 -12.15 16.27 23.77
C ARG C 378 -11.57 14.86 23.66
N LYS C 379 -11.20 14.45 22.44
CA LYS C 379 -10.69 13.09 22.25
C LYS C 379 -9.38 12.88 23.01
N ALA C 380 -8.48 13.86 22.97
CA ALA C 380 -7.23 13.74 23.69
C ALA C 380 -7.46 13.64 25.19
N VAL C 381 -8.37 14.48 25.72
CA VAL C 381 -8.71 14.41 27.14
C VAL C 381 -9.20 13.01 27.49
N LYS C 382 -10.15 12.49 26.71
CA LYS C 382 -10.73 11.19 27.02
C LYS C 382 -9.69 10.08 26.98
N THR C 383 -8.85 10.07 25.94
CA THR C 383 -7.90 8.97 25.78
C THR C 383 -6.83 9.01 26.86
N LEU C 384 -6.22 10.18 27.09
CA LEU C 384 -5.19 10.25 28.12
C LEU C 384 -5.76 10.03 29.50
N GLY C 385 -7.00 10.50 29.73
CA GLY C 385 -7.72 10.13 30.93
C GLY C 385 -7.70 8.63 31.08
N ILE C 386 -8.40 7.92 30.20
CA ILE C 386 -8.52 6.46 30.27
C ILE C 386 -7.17 5.82 30.62
N VAL C 387 -6.12 6.17 29.88
CA VAL C 387 -4.83 5.51 30.08
C VAL C 387 -4.29 5.77 31.49
N MET C 388 -4.22 7.05 31.86
CA MET C 388 -3.62 7.40 33.15
C MET C 388 -4.48 6.92 34.31
N GLY C 389 -5.80 7.01 34.15
CA GLY C 389 -6.69 6.51 35.19
C GLY C 389 -6.52 5.04 35.45
N VAL C 390 -6.48 4.22 34.38
CA VAL C 390 -6.27 2.79 34.58
C VAL C 390 -4.95 2.54 35.29
N PHE C 391 -3.85 3.12 34.78
CA PHE C 391 -2.55 2.81 35.35
C PHE C 391 -2.47 3.25 36.81
N LEU C 392 -2.89 4.47 37.11
CA LEU C 392 -2.76 5.00 38.46
C LEU C 392 -3.70 4.28 39.43
N ILE C 393 -4.99 4.17 39.07
CA ILE C 393 -5.94 3.51 39.96
C ILE C 393 -5.51 2.10 40.27
N CYS C 394 -4.91 1.40 39.30
CA CYS C 394 -4.47 0.03 39.59
C CYS C 394 -3.22 0.01 40.45
N TRP C 395 -2.12 0.60 39.98
CA TRP C 395 -0.86 0.39 40.70
C TRP C 395 -0.65 1.30 41.90
N CYS C 396 -1.04 2.58 41.81
CA CYS C 396 -0.60 3.56 42.82
C CYS C 396 -0.94 3.17 44.25
N PRO C 397 -2.17 2.74 44.59
CA PRO C 397 -2.44 2.41 46.00
C PRO C 397 -1.50 1.36 46.57
N PHE C 398 -1.21 0.32 45.81
CA PHE C 398 -0.36 -0.76 46.30
C PHE C 398 1.03 -0.24 46.66
N PHE C 399 1.65 0.49 45.73
CA PHE C 399 3.02 0.94 45.96
C PHE C 399 3.08 1.98 47.06
N ILE C 400 2.12 2.91 47.10
CA ILE C 400 2.12 3.94 48.14
C ILE C 400 1.95 3.29 49.52
N CYS C 401 1.00 2.37 49.64
CA CYS C 401 0.79 1.71 50.92
C CYS C 401 2.00 0.89 51.34
N THR C 402 2.60 0.16 50.40
CA THR C 402 3.73 -0.69 50.75
C THR C 402 5.00 0.10 51.00
N VAL C 403 5.08 1.34 50.53
CA VAL C 403 6.25 2.16 50.87
C VAL C 403 6.04 2.93 52.17
N MET C 404 4.78 3.24 52.52
CA MET C 404 4.55 3.91 53.80
C MET C 404 4.52 2.93 54.97
N ASP C 405 4.11 1.68 54.74
CA ASP C 405 3.89 0.75 55.84
C ASP C 405 5.15 0.46 56.66
N PRO C 406 6.33 0.18 56.08
CA PRO C 406 7.50 -0.13 56.91
C PRO C 406 7.86 0.96 57.90
N PHE C 407 7.57 2.22 57.60
CA PHE C 407 7.83 3.32 58.52
C PHE C 407 6.70 3.52 59.52
N LEU C 408 5.65 2.72 59.45
CA LEU C 408 4.51 2.79 60.36
C LEU C 408 4.40 1.54 61.21
N HIS C 409 5.54 0.89 61.48
CA HIS C 409 5.62 -0.28 62.35
C HIS C 409 4.78 -1.46 61.84
N TYR C 410 4.52 -1.51 60.54
CA TYR C 410 3.87 -2.66 59.89
C TYR C 410 2.49 -2.96 60.48
N ILE C 411 1.73 -1.92 60.80
CA ILE C 411 0.37 -2.09 61.29
C ILE C 411 -0.57 -2.04 60.08
N ILE C 412 -0.90 -3.20 59.54
CA ILE C 412 -1.77 -3.30 58.37
C ILE C 412 -2.43 -4.68 58.35
N PRO C 413 -3.76 -4.75 58.31
CA PRO C 413 -4.40 -6.05 58.20
C PRO C 413 -4.11 -6.70 56.86
N PRO C 414 -4.04 -8.04 56.81
CA PRO C 414 -3.68 -8.71 55.56
C PRO C 414 -4.70 -8.52 54.44
N THR C 415 -5.96 -8.22 54.78
CA THR C 415 -6.98 -8.06 53.74
C THR C 415 -6.64 -6.89 52.82
N LEU C 416 -6.07 -5.82 53.37
CA LEU C 416 -5.60 -4.73 52.54
C LEU C 416 -4.55 -5.21 51.54
N ASN C 417 -3.59 -6.02 52.01
CA ASN C 417 -2.56 -6.53 51.12
C ASN C 417 -3.17 -7.40 50.03
N ASP C 418 -4.14 -8.25 50.40
CA ASP C 418 -4.83 -9.08 49.41
C ASP C 418 -5.48 -8.22 48.33
N VAL C 419 -6.21 -7.19 48.75
CA VAL C 419 -6.91 -6.35 47.79
C VAL C 419 -5.92 -5.56 46.93
N LEU C 420 -4.79 -5.14 47.50
CA LEU C 420 -3.79 -4.41 46.71
C LEU C 420 -3.16 -5.30 45.64
N ILE C 421 -2.78 -6.52 46.01
CA ILE C 421 -2.23 -7.45 45.03
C ILE C 421 -3.28 -7.74 43.96
N TRP C 422 -4.54 -7.84 44.36
CA TRP C 422 -5.58 -8.13 43.37
C TRP C 422 -5.87 -6.93 42.48
N PHE C 423 -5.63 -5.71 42.97
CA PHE C 423 -5.67 -4.56 42.09
C PHE C 423 -4.55 -4.60 41.05
N GLY C 424 -3.35 -4.99 41.46
CA GLY C 424 -2.29 -5.21 40.47
C GLY C 424 -2.70 -6.25 39.42
N TYR C 425 -3.30 -7.34 39.88
CA TYR C 425 -3.78 -8.36 38.96
C TYR C 425 -4.86 -7.81 38.04
N LEU C 426 -5.76 -6.98 38.55
CA LEU C 426 -6.77 -6.35 37.70
C LEU C 426 -6.13 -5.43 36.67
N ASN C 427 -5.00 -4.81 37.01
CA ASN C 427 -4.26 -4.07 35.99
C ASN C 427 -3.79 -5.01 34.89
N SER C 428 -3.23 -6.16 35.27
CA SER C 428 -2.81 -7.13 34.26
C SER C 428 -3.98 -7.59 33.41
N THR C 429 -5.18 -7.63 33.99
CA THR C 429 -6.38 -8.03 33.25
C THR C 429 -6.86 -6.94 32.30
N PHE C 430 -6.84 -5.68 32.75
CA PHE C 430 -7.34 -4.56 31.96
C PHE C 430 -6.35 -4.07 30.91
N ASN C 431 -5.08 -4.44 31.03
CA ASN C 431 -4.06 -3.89 30.14
C ASN C 431 -4.32 -4.10 28.64
N PRO C 432 -4.75 -5.26 28.15
CA PRO C 432 -4.88 -5.42 26.69
C PRO C 432 -6.14 -4.85 26.10
N MET C 433 -6.96 -4.13 26.88
CA MET C 433 -8.11 -3.44 26.33
C MET C 433 -7.81 -1.96 26.06
N VAL C 434 -6.94 -1.35 26.86
CA VAL C 434 -6.58 0.04 26.63
C VAL C 434 -5.71 0.17 25.38
N TYR C 435 -4.79 -0.79 25.17
CA TYR C 435 -3.79 -0.65 24.13
C TYR C 435 -4.10 -1.41 22.85
N ALA C 436 -5.07 -2.31 22.86
CA ALA C 436 -5.40 -3.08 21.67
C ALA C 436 -6.88 -3.07 21.30
N PHE C 437 -7.79 -2.99 22.26
CA PHE C 437 -9.22 -3.03 21.97
C PHE C 437 -9.82 -1.64 21.85
N PHE C 438 -9.00 -0.59 21.98
CA PHE C 438 -9.47 0.78 21.98
C PHE C 438 -9.36 1.46 20.63
N TYR C 439 -8.54 0.94 19.73
CA TYR C 439 -8.26 1.62 18.47
C TYR C 439 -9.01 0.95 17.31
N PRO C 440 -9.52 1.75 16.38
CA PRO C 440 -10.38 1.20 15.32
C PRO C 440 -9.69 0.19 14.41
N TRP C 441 -8.39 0.30 14.17
CA TRP C 441 -7.75 -0.60 13.21
C TRP C 441 -7.74 -2.04 13.74
N PHE C 442 -7.45 -2.22 15.02
CA PHE C 442 -7.44 -3.57 15.57
C PHE C 442 -8.82 -4.19 15.55
N ARG C 443 -9.85 -3.44 15.94
CA ARG C 443 -11.20 -4.00 15.90
C ARG C 443 -11.63 -4.27 14.47
N LYS C 444 -11.17 -3.44 13.52
CA LYS C 444 -11.44 -3.70 12.11
C LYS C 444 -10.85 -5.04 11.68
N ALA C 445 -9.59 -5.29 12.04
CA ALA C 445 -8.98 -6.58 11.70
C ALA C 445 -9.72 -7.74 12.37
N LEU C 446 -10.08 -7.58 13.64
CA LEU C 446 -10.75 -8.65 14.36
C LEU C 446 -12.11 -8.98 13.75
N LYS C 447 -12.88 -7.95 13.37
CA LYS C 447 -14.16 -8.20 12.72
C LYS C 447 -13.97 -8.73 11.31
N MET C 448 -12.86 -8.38 10.65
CA MET C 448 -12.56 -8.97 9.35
C MET C 448 -12.30 -10.46 9.48
N MET C 449 -11.71 -10.89 10.60
CA MET C 449 -11.62 -12.33 10.87
C MET C 449 -13.00 -12.96 11.02
N LEU C 450 -13.90 -12.29 11.72
CA LEU C 450 -15.25 -12.81 11.93
C LEU C 450 -16.07 -12.73 10.64
N THR D 6 -7.11 18.96 -46.69
CA THR D 6 -6.52 19.30 -45.41
C THR D 6 -6.12 18.05 -44.64
N ALA D 7 -5.54 18.24 -43.45
CA ALA D 7 -5.15 17.10 -42.63
C ALA D 7 -6.37 16.30 -42.19
N SER D 8 -7.47 16.99 -41.85
CA SER D 8 -8.70 16.29 -41.51
C SER D 8 -9.23 15.49 -42.71
N ILE D 9 -9.14 16.07 -43.91
CA ILE D 9 -9.56 15.35 -45.11
C ILE D 9 -8.71 14.10 -45.30
N ALA D 10 -7.40 14.23 -45.11
CA ALA D 10 -6.49 13.09 -45.29
C ALA D 10 -6.78 11.99 -44.28
N GLN D 11 -6.98 12.36 -43.01
CA GLN D 11 -7.23 11.33 -42.00
C GLN D 11 -8.59 10.68 -42.19
N ALA D 12 -9.61 11.45 -42.61
CA ALA D 12 -10.90 10.86 -42.90
C ALA D 12 -10.83 9.90 -44.07
N ARG D 13 -10.07 10.27 -45.11
CA ARG D 13 -9.89 9.38 -46.25
C ARG D 13 -9.14 8.11 -45.84
N LYS D 14 -8.14 8.25 -44.96
CA LYS D 14 -7.43 7.07 -44.45
C LYS D 14 -8.37 6.16 -43.68
N LEU D 15 -9.23 6.74 -42.83
CA LEU D 15 -10.19 5.93 -42.09
C LEU D 15 -11.17 5.23 -43.02
N VAL D 16 -11.63 5.93 -44.07
CA VAL D 16 -12.55 5.33 -45.03
C VAL D 16 -11.88 4.17 -45.76
N GLU D 17 -10.63 4.35 -46.18
CA GLU D 17 -9.91 3.27 -46.85
C GLU D 17 -9.69 2.09 -45.92
N GLN D 18 -9.37 2.35 -44.65
CA GLN D 18 -9.20 1.28 -43.68
C GLN D 18 -10.50 0.52 -43.47
N LEU D 19 -11.62 1.24 -43.42
CA LEU D 19 -12.92 0.59 -43.30
C LEU D 19 -13.22 -0.26 -44.53
N LYS D 20 -12.89 0.25 -45.73
CA LYS D 20 -13.09 -0.53 -46.94
C LYS D 20 -12.26 -1.80 -46.92
N MET D 21 -11.01 -1.71 -46.46
CA MET D 21 -10.16 -2.90 -46.36
C MET D 21 -10.72 -3.89 -45.34
N GLU D 22 -11.22 -3.38 -44.21
CA GLU D 22 -11.81 -4.25 -43.20
C GLU D 22 -13.04 -4.95 -43.73
N ALA D 23 -13.84 -4.26 -44.54
CA ALA D 23 -15.04 -4.87 -45.11
C ALA D 23 -14.68 -6.02 -46.05
N ASN D 24 -13.55 -5.91 -46.74
CA ASN D 24 -13.11 -6.94 -47.70
C ASN D 24 -12.39 -8.06 -46.95
N ILE D 25 -13.14 -8.74 -46.09
CA ILE D 25 -12.64 -9.85 -45.30
C ILE D 25 -13.67 -10.96 -45.32
N ASP D 26 -13.21 -12.20 -45.52
CA ASP D 26 -14.11 -13.34 -45.52
C ASP D 26 -14.76 -13.51 -44.16
N ARG D 27 -16.01 -13.96 -44.15
CA ARG D 27 -16.79 -14.13 -42.94
C ARG D 27 -16.95 -15.61 -42.63
N ILE D 28 -16.67 -15.97 -41.38
CA ILE D 28 -16.74 -17.36 -40.91
C ILE D 28 -17.85 -17.44 -39.87
N LYS D 29 -18.72 -18.44 -40.02
CA LYS D 29 -19.87 -18.57 -39.13
C LYS D 29 -19.42 -18.82 -37.70
N VAL D 30 -20.16 -18.23 -36.75
CA VAL D 30 -19.81 -18.34 -35.34
C VAL D 30 -19.99 -19.77 -34.84
N SER D 31 -20.93 -20.53 -35.43
CA SER D 31 -21.16 -21.90 -34.98
C SER D 31 -19.94 -22.77 -35.21
N LYS D 32 -19.28 -22.61 -36.37
CA LYS D 32 -18.08 -23.38 -36.65
C LYS D 32 -16.97 -23.06 -35.66
N ALA D 33 -16.78 -21.78 -35.34
CA ALA D 33 -15.75 -21.40 -34.39
C ALA D 33 -16.06 -21.95 -33.00
N ALA D 34 -17.32 -21.88 -32.58
CA ALA D 34 -17.69 -22.43 -31.29
C ALA D 34 -17.47 -23.94 -31.24
N ALA D 35 -17.82 -24.64 -32.32
CA ALA D 35 -17.60 -26.08 -32.37
C ALA D 35 -16.12 -26.42 -32.30
N ASP D 36 -15.28 -25.66 -33.02
CA ASP D 36 -13.85 -25.90 -32.97
C ASP D 36 -13.29 -25.66 -31.57
N LEU D 37 -13.74 -24.59 -30.93
CA LEU D 37 -13.27 -24.29 -29.57
C LEU D 37 -13.67 -25.40 -28.61
N MET D 38 -14.93 -25.85 -28.70
CA MET D 38 -15.39 -26.93 -27.82
C MET D 38 -14.62 -28.21 -28.09
N ALA D 39 -14.35 -28.51 -29.35
CA ALA D 39 -13.59 -29.72 -29.69
C ALA D 39 -12.18 -29.67 -29.11
N TYR D 40 -11.50 -28.52 -29.26
CA TYR D 40 -10.16 -28.40 -28.71
C TYR D 40 -10.18 -28.52 -27.19
N CYS D 41 -11.16 -27.87 -26.55
CA CYS D 41 -11.24 -27.92 -25.09
C CYS D 41 -11.48 -29.35 -24.60
N GLU D 42 -12.40 -30.07 -25.23
CA GLU D 42 -12.69 -31.42 -24.78
C GLU D 42 -11.58 -32.40 -25.17
N ALA D 43 -10.81 -32.09 -26.21
CA ALA D 43 -9.71 -32.96 -26.59
C ALA D 43 -8.53 -32.81 -25.64
N HIS D 44 -8.24 -31.59 -25.21
CA HIS D 44 -7.14 -31.36 -24.29
C HIS D 44 -7.56 -31.38 -22.81
N ALA D 45 -8.84 -31.57 -22.51
CA ALA D 45 -9.26 -31.72 -21.12
C ALA D 45 -8.75 -33.01 -20.50
N LYS D 46 -8.27 -33.96 -21.30
CA LYS D 46 -7.76 -35.20 -20.74
C LYS D 46 -6.56 -34.96 -19.84
N GLU D 47 -5.58 -34.20 -20.33
CA GLU D 47 -4.40 -33.90 -19.52
C GLU D 47 -4.75 -32.91 -18.42
N ASP D 48 -5.13 -31.69 -18.79
CA ASP D 48 -5.67 -30.62 -17.95
C ASP D 48 -5.06 -30.58 -16.55
N PRO D 49 -3.75 -30.31 -16.42
CA PRO D 49 -3.19 -30.11 -15.08
C PRO D 49 -3.82 -28.89 -14.44
N LEU D 50 -3.74 -28.84 -13.10
CA LEU D 50 -4.29 -27.80 -12.25
C LEU D 50 -5.82 -27.89 -12.17
N LEU D 51 -6.46 -28.78 -12.94
CA LEU D 51 -7.88 -29.04 -12.82
C LEU D 51 -8.15 -30.49 -12.43
N THR D 52 -7.50 -31.45 -13.08
CA THR D 52 -7.69 -32.85 -12.74
C THR D 52 -7.05 -33.15 -11.38
N PRO D 53 -7.58 -34.14 -10.66
CA PRO D 53 -6.95 -34.52 -9.37
C PRO D 53 -5.62 -35.21 -9.56
N VAL D 54 -4.58 -34.42 -9.84
CA VAL D 54 -3.25 -34.95 -10.10
C VAL D 54 -2.69 -35.56 -8.81
N PRO D 55 -1.81 -36.57 -8.91
CA PRO D 55 -1.25 -37.18 -7.70
C PRO D 55 -0.43 -36.18 -6.90
N ALA D 56 -0.41 -36.36 -5.58
CA ALA D 56 0.30 -35.45 -4.70
C ALA D 56 1.79 -35.71 -4.65
N SER D 57 2.28 -36.81 -5.22
CA SER D 57 3.70 -37.14 -5.19
C SER D 57 4.39 -36.84 -6.51
N GLU D 58 3.70 -36.24 -7.48
CA GLU D 58 4.31 -35.83 -8.73
C GLU D 58 4.51 -34.33 -8.84
N ASN D 59 3.73 -33.54 -8.12
CA ASN D 59 3.92 -32.10 -8.12
C ASN D 59 5.21 -31.75 -7.36
N PRO D 60 6.17 -31.09 -8.02
CA PRO D 60 7.45 -30.82 -7.36
C PRO D 60 7.40 -29.72 -6.31
N PHE D 61 6.24 -29.13 -6.06
CA PHE D 61 6.13 -28.14 -4.98
C PHE D 61 6.34 -28.79 -3.62
N ARG D 62 5.84 -30.02 -3.44
CA ARG D 62 6.10 -30.82 -2.25
C ARG D 62 5.63 -30.12 -0.98
N GLU D 63 4.37 -29.72 -0.97
CA GLU D 63 3.79 -29.08 0.21
C GLU D 63 2.29 -29.36 0.27
#